data_2OL2
#
_entry.id   2OL2
#
_cell.length_a   56.017
_cell.length_b   60.074
_cell.length_c   133.171
_cell.angle_alpha   90.00
_cell.angle_beta   93.28
_cell.angle_gamma   90.00
#
_symmetry.space_group_name_H-M   'P 1 21 1'
#
loop_
_entity.id
_entity.type
_entity.pdbx_description
1 polymer 'Plasma serine protease inhibitor'
2 non-polymer GLYCEROL
3 water water
#
_entity_poly.entity_id   1
_entity_poly.type   'polypeptide(L)'
_entity_poly.pdbx_seq_one_letter_code
;MGHHHHHHHHHHSSGHIDDDDKHMVGATVAPSSRRDFTFDLYRALASAAPSQNIFFSPVSISMSLAMLSLGAGSSTKMQI
LEGLGLNLQKSSEKELHRGFQQLLQELNQPRDGFQLSLGNALFTDLVVDLQDTFVSAMKTLYLADTFPTNFRDSAGAMKQ
INDYVAKQTKGKIVDLLKNLDSNAVVIMVNYIFFKAKWETSFNHKGTQEQDFYVTSETVVRVPMMSREDQYHYLLDRNLS
CRVVGVPYQGNATALFILPSEGKMQQVENGLSEKTLRKWLKMFKKRQLELYLPKFSIEGSYQLEKVLPSLGISNVFTSHA
DLSGISNHSNIQVSEMVHKAVVEVDESGTRAAAATGTIFTFRSARLNSQRLVFNRPFLMFIVDNNILFLGKVNRP
;
_entity_poly.pdbx_strand_id   A,B
#
loop_
_chem_comp.id
_chem_comp.type
_chem_comp.name
_chem_comp.formula
GOL non-polymer GLYCEROL 'C3 H8 O3'
#
# COMPACT_ATOMS: atom_id res chain seq x y z
N ASP A 36 -29.03 -10.28 -11.53
CA ASP A 36 -27.75 -9.53 -11.60
C ASP A 36 -27.94 -8.18 -12.29
N PHE A 37 -27.42 -7.13 -11.65
CA PHE A 37 -27.51 -5.79 -12.22
C PHE A 37 -26.60 -5.76 -13.44
N THR A 38 -25.32 -5.97 -13.19
CA THR A 38 -24.29 -5.93 -14.23
C THR A 38 -24.53 -6.81 -15.45
N PHE A 39 -24.75 -8.10 -15.23
CA PHE A 39 -24.95 -9.02 -16.32
C PHE A 39 -26.28 -8.94 -17.05
N ASP A 40 -27.34 -8.51 -16.36
CA ASP A 40 -28.62 -8.33 -17.03
C ASP A 40 -28.46 -7.11 -17.94
N LEU A 41 -27.68 -6.14 -17.47
CA LEU A 41 -27.42 -4.95 -18.27
C LEU A 41 -26.63 -5.36 -19.50
N TYR A 42 -25.65 -6.25 -19.34
CA TYR A 42 -24.87 -6.68 -20.50
C TYR A 42 -25.81 -7.29 -21.55
N ARG A 43 -26.71 -8.16 -21.13
CA ARG A 43 -27.65 -8.80 -22.05
C ARG A 43 -28.60 -7.81 -22.72
N ALA A 44 -29.00 -6.78 -21.97
CA ALA A 44 -29.89 -5.78 -22.53
C ALA A 44 -29.19 -5.11 -23.69
N LEU A 45 -27.99 -4.60 -23.45
CA LEU A 45 -27.21 -3.93 -24.48
C LEU A 45 -26.95 -4.84 -25.66
N ALA A 46 -26.60 -6.10 -25.38
CA ALA A 46 -26.34 -7.08 -26.42
C ALA A 46 -27.57 -7.33 -27.29
N SER A 47 -28.72 -7.53 -26.66
CA SER A 47 -29.96 -7.78 -27.39
C SER A 47 -30.34 -6.62 -28.32
N ALA A 48 -29.98 -5.41 -27.90
CA ALA A 48 -30.30 -4.21 -28.68
C ALA A 48 -29.40 -3.99 -29.87
N ALA A 49 -28.24 -4.65 -29.92
CA ALA A 49 -27.32 -4.49 -31.03
C ALA A 49 -26.59 -5.79 -31.36
N PRO A 50 -27.33 -6.77 -31.89
CA PRO A 50 -26.81 -8.08 -32.27
C PRO A 50 -25.58 -8.04 -33.20
N SER A 51 -24.67 -8.99 -33.01
CA SER A 51 -23.46 -9.08 -33.83
C SER A 51 -22.59 -7.84 -33.74
N GLN A 52 -22.72 -7.09 -32.66
CA GLN A 52 -21.93 -5.88 -32.50
C GLN A 52 -21.12 -5.90 -31.22
N ASN A 53 -20.00 -5.16 -31.23
CA ASN A 53 -19.15 -5.07 -30.04
C ASN A 53 -19.96 -4.42 -28.91
N ILE A 54 -19.70 -4.82 -27.68
CA ILE A 54 -20.35 -4.24 -26.51
C ILE A 54 -19.22 -3.88 -25.55
N PHE A 55 -19.33 -2.74 -24.86
CA PHE A 55 -18.28 -2.36 -23.93
C PHE A 55 -18.68 -1.24 -22.98
N PHE A 56 -18.64 -1.54 -21.69
CA PHE A 56 -19.00 -0.56 -20.68
C PHE A 56 -18.31 -0.86 -19.37
N SER A 57 -18.44 0.04 -18.41
CA SER A 57 -17.85 -0.17 -17.10
C SER A 57 -18.94 -0.38 -16.08
N PRO A 58 -18.98 -1.56 -15.43
CA PRO A 58 -20.01 -1.82 -14.43
C PRO A 58 -19.86 -0.90 -13.20
N VAL A 59 -18.65 -0.87 -12.64
CA VAL A 59 -18.36 -0.05 -11.46
C VAL A 59 -18.73 1.42 -11.72
N SER A 60 -18.36 1.90 -12.90
CA SER A 60 -18.66 3.28 -13.24
C SER A 60 -20.16 3.55 -13.35
N ILE A 61 -20.93 2.57 -13.82
CA ILE A 61 -22.37 2.76 -13.94
C ILE A 61 -23.02 2.73 -12.55
N SER A 62 -22.64 1.77 -11.72
CA SER A 62 -23.20 1.70 -10.37
C SER A 62 -22.88 3.00 -9.62
N MET A 63 -21.69 3.53 -9.85
CA MET A 63 -21.24 4.76 -9.22
C MET A 63 -22.11 5.97 -9.56
N SER A 64 -22.44 6.12 -10.83
CA SER A 64 -23.26 7.24 -11.26
C SER A 64 -24.70 7.09 -10.76
N LEU A 65 -25.20 5.86 -10.71
CA LEU A 65 -26.57 5.64 -10.22
C LEU A 65 -26.67 5.93 -8.72
N ALA A 66 -25.68 5.51 -7.95
CA ALA A 66 -25.69 5.78 -6.50
C ALA A 66 -25.64 7.30 -6.30
N MET A 67 -24.70 7.93 -6.99
CA MET A 67 -24.52 9.38 -6.96
C MET A 67 -25.86 10.09 -7.27
N LEU A 68 -26.54 9.61 -8.30
CA LEU A 68 -27.83 10.16 -8.69
C LEU A 68 -28.89 9.98 -7.58
N SER A 69 -28.84 8.87 -6.85
CA SER A 69 -29.83 8.67 -5.80
C SER A 69 -29.72 9.72 -4.70
N LEU A 70 -28.64 10.51 -4.72
CA LEU A 70 -28.41 11.56 -3.72
C LEU A 70 -29.43 12.68 -3.81
N GLY A 71 -30.02 12.89 -4.98
CA GLY A 71 -31.02 13.93 -5.14
C GLY A 71 -32.37 13.39 -5.55
N ALA A 72 -32.54 12.08 -5.53
CA ALA A 72 -33.80 11.44 -5.91
C ALA A 72 -34.70 11.18 -4.71
N GLY A 73 -36.01 11.20 -4.93
CA GLY A 73 -36.95 10.96 -3.85
C GLY A 73 -37.97 9.87 -4.17
N SER A 74 -38.81 9.55 -3.19
CA SER A 74 -39.86 8.53 -3.31
C SER A 74 -39.56 7.29 -4.16
N SER A 75 -40.42 7.00 -5.12
CA SER A 75 -40.24 5.82 -5.96
C SER A 75 -39.06 5.91 -6.94
N THR A 76 -38.64 7.15 -7.25
CA THR A 76 -37.52 7.35 -8.16
C THR A 76 -36.24 6.84 -7.51
N LYS A 77 -36.06 7.16 -6.24
CA LYS A 77 -34.89 6.77 -5.47
C LYS A 77 -34.90 5.27 -5.21
N MET A 78 -36.03 4.77 -4.74
CA MET A 78 -36.16 3.36 -4.42
C MET A 78 -35.88 2.47 -5.63
N GLN A 79 -36.36 2.86 -6.82
CA GLN A 79 -36.09 2.06 -8.01
C GLN A 79 -34.58 1.97 -8.27
N ILE A 80 -33.88 3.08 -8.03
CA ILE A 80 -32.43 3.12 -8.24
C ILE A 80 -31.69 2.23 -7.24
N LEU A 81 -32.01 2.38 -5.96
CA LEU A 81 -31.36 1.59 -4.93
C LEU A 81 -31.57 0.08 -5.14
N GLU A 82 -32.82 -0.32 -5.40
CA GLU A 82 -33.09 -1.74 -5.60
C GLU A 82 -32.33 -2.24 -6.84
N GLY A 83 -32.15 -1.34 -7.80
CA GLY A 83 -31.44 -1.69 -9.01
C GLY A 83 -29.99 -1.94 -8.71
N LEU A 84 -29.47 -1.24 -7.70
CA LEU A 84 -28.09 -1.41 -7.29
C LEU A 84 -28.10 -2.59 -6.33
N GLY A 85 -29.30 -2.98 -5.93
CA GLY A 85 -29.46 -4.07 -4.99
C GLY A 85 -29.04 -3.48 -3.66
N LEU A 86 -29.98 -3.13 -2.80
CA LEU A 86 -29.61 -2.54 -1.53
C LEU A 86 -30.13 -3.29 -0.31
N ASN A 87 -29.17 -3.75 0.49
CA ASN A 87 -29.37 -4.51 1.72
C ASN A 87 -30.73 -4.54 2.40
N LEU A 88 -30.86 -5.50 3.31
CA LEU A 88 -32.08 -5.70 4.08
C LEU A 88 -32.23 -4.52 5.04
N GLN A 89 -33.48 -4.18 5.32
CA GLN A 89 -33.81 -3.06 6.22
C GLN A 89 -33.56 -1.75 5.47
N LYS A 90 -33.34 -1.85 4.16
CA LYS A 90 -33.07 -0.67 3.33
C LYS A 90 -32.03 0.15 4.08
N SER A 91 -31.13 -0.57 4.73
CA SER A 91 -30.07 0.02 5.54
C SER A 91 -29.02 0.85 4.83
N SER A 92 -28.28 1.60 5.64
CA SER A 92 -27.21 2.49 5.22
C SER A 92 -26.99 2.79 3.74
N GLU A 93 -27.32 4.01 3.35
CA GLU A 93 -27.11 4.47 1.98
C GLU A 93 -25.78 5.21 2.05
N LYS A 94 -25.53 5.81 3.21
CA LYS A 94 -24.31 6.56 3.44
C LYS A 94 -23.12 5.59 3.48
N GLU A 95 -23.38 4.36 3.89
CA GLU A 95 -22.33 3.36 3.90
C GLU A 95 -22.03 3.06 2.45
N LEU A 96 -23.09 2.98 1.65
CA LEU A 96 -22.95 2.74 0.22
C LEU A 96 -22.11 3.84 -0.41
N HIS A 97 -22.38 5.08 -0.02
CA HIS A 97 -21.63 6.22 -0.54
C HIS A 97 -20.20 6.24 -0.03
N ARG A 98 -19.99 5.68 1.16
CA ARG A 98 -18.66 5.61 1.74
C ARG A 98 -17.82 4.67 0.88
N GLY A 99 -18.37 3.51 0.57
CA GLY A 99 -17.67 2.54 -0.26
C GLY A 99 -17.17 3.17 -1.56
N PHE A 100 -18.10 3.70 -2.35
CA PHE A 100 -17.75 4.34 -3.61
C PHE A 100 -16.78 5.50 -3.38
N GLN A 101 -17.02 6.29 -2.33
CA GLN A 101 -16.16 7.43 -2.01
C GLN A 101 -14.70 6.99 -1.89
N GLN A 102 -14.49 5.90 -1.17
CA GLN A 102 -13.13 5.37 -0.98
C GLN A 102 -12.63 4.79 -2.30
N LEU A 103 -13.46 3.97 -2.92
CA LEU A 103 -13.12 3.34 -4.19
C LEU A 103 -12.62 4.36 -5.20
N LEU A 104 -13.29 5.50 -5.29
CA LEU A 104 -12.87 6.54 -6.23
C LEU A 104 -11.47 7.01 -5.91
N GLN A 105 -11.20 7.22 -4.62
CA GLN A 105 -9.88 7.67 -4.20
C GLN A 105 -8.80 6.70 -4.68
N GLU A 106 -8.94 5.44 -4.31
CA GLU A 106 -7.98 4.43 -4.70
C GLU A 106 -7.80 4.33 -6.22
N LEU A 107 -8.91 4.41 -6.95
CA LEU A 107 -8.84 4.35 -8.39
C LEU A 107 -8.07 5.54 -8.97
N ASN A 108 -8.29 6.72 -8.40
CA ASN A 108 -7.66 7.94 -8.87
C ASN A 108 -6.23 8.22 -8.39
N GLN A 109 -5.57 7.24 -7.76
CA GLN A 109 -4.21 7.47 -7.30
C GLN A 109 -3.19 6.86 -8.27
N PRO A 110 -2.48 7.73 -9.02
CA PRO A 110 -1.46 7.46 -10.03
C PRO A 110 -0.43 6.39 -9.73
N ARG A 111 0.16 5.86 -10.81
CA ARG A 111 1.20 4.84 -10.73
C ARG A 111 2.21 5.21 -11.80
N ASP A 112 2.62 4.25 -12.62
CA ASP A 112 3.59 4.54 -13.68
C ASP A 112 3.17 3.91 -14.99
N GLY A 113 2.64 4.73 -15.89
CA GLY A 113 2.19 4.22 -17.18
C GLY A 113 0.78 3.69 -17.10
N PHE A 114 0.12 4.00 -15.99
CA PHE A 114 -1.26 3.58 -15.74
C PHE A 114 -2.16 4.78 -16.08
N GLN A 115 -2.94 4.65 -17.15
CA GLN A 115 -3.82 5.74 -17.57
C GLN A 115 -5.30 5.41 -17.31
N LEU A 116 -5.84 5.98 -16.24
CA LEU A 116 -7.25 5.73 -15.91
C LEU A 116 -7.96 7.05 -15.65
N SER A 117 -8.85 7.44 -16.56
CA SER A 117 -9.62 8.67 -16.41
C SER A 117 -11.08 8.28 -16.29
N LEU A 118 -11.67 8.57 -15.14
CA LEU A 118 -13.07 8.25 -14.88
C LEU A 118 -13.75 9.41 -14.16
N GLY A 119 -15.00 9.67 -14.53
CA GLY A 119 -15.70 10.76 -13.90
C GLY A 119 -17.18 10.82 -14.25
N ASN A 120 -17.87 11.73 -13.60
CA ASN A 120 -19.30 11.94 -13.77
C ASN A 120 -19.58 13.43 -13.67
N ALA A 121 -20.61 13.87 -14.37
CA ALA A 121 -20.96 15.28 -14.30
C ALA A 121 -22.44 15.40 -14.64
N LEU A 122 -23.08 16.39 -14.05
CA LEU A 122 -24.49 16.66 -14.31
C LEU A 122 -24.59 18.06 -14.86
N PHE A 123 -25.23 18.18 -16.02
CA PHE A 123 -25.43 19.47 -16.67
C PHE A 123 -26.91 19.78 -16.54
N THR A 124 -27.20 20.90 -15.89
CA THR A 124 -28.58 21.28 -15.65
C THR A 124 -28.96 22.65 -16.20
N ASP A 125 -30.16 22.74 -16.76
CA ASP A 125 -30.60 23.99 -17.34
C ASP A 125 -30.55 25.19 -16.38
N LEU A 126 -30.48 26.38 -16.98
CA LEU A 126 -30.42 27.64 -16.22
C LEU A 126 -31.62 27.89 -15.31
N VAL A 127 -32.81 27.43 -15.70
CA VAL A 127 -34.01 27.62 -14.87
C VAL A 127 -33.91 26.89 -13.53
N VAL A 128 -33.41 25.66 -13.58
CA VAL A 128 -33.27 24.80 -12.40
C VAL A 128 -32.32 25.29 -11.31
N ASP A 129 -32.88 25.79 -10.20
CA ASP A 129 -32.07 26.25 -9.09
C ASP A 129 -31.61 25.02 -8.34
N LEU A 130 -30.30 24.89 -8.16
CA LEU A 130 -29.72 23.73 -7.49
C LEU A 130 -29.67 23.86 -5.96
N GLN A 131 -29.75 22.72 -5.28
CA GLN A 131 -29.69 22.65 -3.83
C GLN A 131 -28.23 22.50 -3.40
N ASP A 132 -27.73 23.48 -2.66
CA ASP A 132 -26.35 23.43 -2.20
C ASP A 132 -25.99 22.09 -1.53
N THR A 133 -26.93 21.47 -0.81
CA THR A 133 -26.63 20.19 -0.16
C THR A 133 -26.36 19.08 -1.17
N PHE A 134 -26.96 19.18 -2.36
CA PHE A 134 -26.76 18.20 -3.41
C PHE A 134 -25.38 18.43 -4.03
N VAL A 135 -25.15 19.66 -4.50
CA VAL A 135 -23.88 20.04 -5.10
C VAL A 135 -22.70 19.66 -4.20
N SER A 136 -22.84 19.94 -2.91
CA SER A 136 -21.78 19.66 -1.94
C SER A 136 -21.50 18.16 -1.84
N ALA A 137 -22.58 17.39 -1.63
CA ALA A 137 -22.47 15.93 -1.53
C ALA A 137 -21.83 15.32 -2.77
N MET A 138 -22.23 15.80 -3.95
CA MET A 138 -21.68 15.29 -5.21
C MET A 138 -20.17 15.48 -5.35
N LYS A 139 -19.69 16.67 -5.04
CA LYS A 139 -18.27 16.98 -5.13
C LYS A 139 -17.47 16.27 -4.06
N THR A 140 -17.99 16.31 -2.85
CA THR A 140 -17.34 15.70 -1.70
C THR A 140 -17.26 14.20 -1.75
N LEU A 141 -18.40 13.57 -2.00
CA LEU A 141 -18.45 12.11 -2.05
C LEU A 141 -17.94 11.50 -3.34
N TYR A 142 -18.37 12.03 -4.48
CA TYR A 142 -17.99 11.48 -5.77
C TYR A 142 -17.07 12.32 -6.66
N LEU A 143 -16.57 13.45 -6.19
CA LEU A 143 -15.69 14.28 -7.03
C LEU A 143 -16.40 14.69 -8.32
N ALA A 144 -17.73 14.72 -8.31
CA ALA A 144 -18.50 15.09 -9.51
C ALA A 144 -19.08 16.50 -9.45
N ASP A 145 -19.16 17.11 -10.62
CA ASP A 145 -19.67 18.48 -10.75
C ASP A 145 -21.09 18.54 -11.29
N THR A 146 -21.74 19.66 -11.01
CA THR A 146 -23.09 19.97 -11.47
C THR A 146 -22.98 21.36 -12.09
N PHE A 147 -23.13 21.46 -13.40
CA PHE A 147 -23.00 22.76 -14.06
C PHE A 147 -24.27 23.34 -14.67
N PRO A 148 -24.65 24.56 -14.24
CA PRO A 148 -25.86 25.16 -14.83
C PRO A 148 -25.49 25.34 -16.30
N THR A 149 -26.42 25.04 -17.19
CA THR A 149 -26.15 25.10 -18.61
C THR A 149 -27.31 25.68 -19.39
N ASN A 150 -27.00 26.39 -20.48
CA ASN A 150 -28.03 27.00 -21.31
C ASN A 150 -28.39 26.07 -22.47
N PHE A 151 -29.28 25.12 -22.22
CA PHE A 151 -29.69 24.18 -23.25
C PHE A 151 -30.48 24.81 -24.39
N ARG A 152 -30.87 26.07 -24.24
CA ARG A 152 -31.60 26.76 -25.29
C ARG A 152 -30.69 26.92 -26.51
N ASP A 153 -29.38 26.83 -26.28
CA ASP A 153 -28.39 26.93 -27.36
C ASP A 153 -27.79 25.55 -27.49
N SER A 154 -28.53 24.67 -28.15
CA SER A 154 -28.16 23.28 -28.35
C SER A 154 -26.69 23.08 -28.74
N ALA A 155 -26.27 23.73 -29.82
CA ALA A 155 -24.90 23.60 -30.30
C ALA A 155 -23.85 24.14 -29.32
N GLY A 156 -24.23 25.07 -28.46
CA GLY A 156 -23.26 25.59 -27.50
C GLY A 156 -23.07 24.63 -26.35
N ALA A 157 -24.17 24.04 -25.92
CA ALA A 157 -24.15 23.09 -24.81
C ALA A 157 -23.39 21.82 -25.17
N MET A 158 -23.62 21.32 -26.38
CA MET A 158 -22.94 20.11 -26.83
C MET A 158 -21.44 20.33 -26.79
N LYS A 159 -20.98 21.44 -27.35
CA LYS A 159 -19.55 21.73 -27.37
C LYS A 159 -18.97 21.95 -25.98
N GLN A 160 -19.73 22.57 -25.08
CA GLN A 160 -19.19 22.80 -23.74
C GLN A 160 -19.04 21.45 -23.05
N ILE A 161 -20.03 20.57 -23.23
CA ILE A 161 -19.98 19.25 -22.62
C ILE A 161 -18.83 18.42 -23.19
N ASN A 162 -18.71 18.41 -24.51
CA ASN A 162 -17.66 17.64 -25.17
C ASN A 162 -16.27 18.16 -24.79
N ASP A 163 -16.16 19.48 -24.67
CA ASP A 163 -14.87 20.08 -24.29
C ASP A 163 -14.55 19.73 -22.85
N TYR A 164 -15.58 19.72 -21.99
CA TYR A 164 -15.36 19.40 -20.59
C TYR A 164 -14.82 17.98 -20.45
N VAL A 165 -15.44 17.06 -21.16
CA VAL A 165 -15.01 15.66 -21.11
C VAL A 165 -13.64 15.48 -21.76
N ALA A 166 -13.37 16.18 -22.86
CA ALA A 166 -12.07 16.03 -23.51
C ALA A 166 -10.94 16.43 -22.55
N LYS A 167 -11.21 17.44 -21.73
CA LYS A 167 -10.23 17.91 -20.76
C LYS A 167 -10.13 16.94 -19.60
N GLN A 168 -11.26 16.51 -19.06
CA GLN A 168 -11.24 15.56 -17.93
C GLN A 168 -10.59 14.25 -18.34
N THR A 169 -10.52 13.98 -19.65
CA THR A 169 -9.92 12.73 -20.11
C THR A 169 -8.56 12.92 -20.74
N LYS A 170 -7.95 14.08 -20.52
CA LYS A 170 -6.63 14.35 -21.09
C LYS A 170 -6.65 14.11 -22.60
N GLY A 171 -7.79 14.39 -23.20
CA GLY A 171 -7.95 14.20 -24.63
C GLY A 171 -8.32 12.81 -25.12
N LYS A 172 -8.55 11.85 -24.23
CA LYS A 172 -8.89 10.48 -24.67
C LYS A 172 -10.32 10.23 -25.16
N ILE A 173 -11.25 11.10 -24.79
CA ILE A 173 -12.65 10.98 -25.24
C ILE A 173 -13.01 12.38 -25.69
N VAL A 174 -13.00 12.60 -27.00
CA VAL A 174 -13.22 13.92 -27.56
C VAL A 174 -14.57 14.36 -28.13
N ASP A 175 -15.50 13.43 -28.32
CA ASP A 175 -16.79 13.84 -28.86
C ASP A 175 -17.94 13.03 -28.28
N LEU A 176 -17.99 12.97 -26.95
CA LEU A 176 -19.05 12.24 -26.27
C LEU A 176 -20.39 12.39 -26.98
N LEU A 177 -21.05 13.52 -26.79
CA LEU A 177 -22.34 13.76 -27.41
C LEU A 177 -22.22 13.96 -28.92
N LYS A 178 -23.16 13.40 -29.67
CA LYS A 178 -23.18 13.51 -31.12
C LYS A 178 -24.37 14.38 -31.50
N ASN A 179 -25.32 14.50 -30.58
CA ASN A 179 -26.52 15.31 -30.79
C ASN A 179 -27.08 15.70 -29.44
N LEU A 180 -27.81 16.80 -29.40
CA LEU A 180 -28.40 17.31 -28.17
C LEU A 180 -29.70 18.00 -28.51
N ASP A 181 -30.76 17.66 -27.78
CA ASP A 181 -32.06 18.27 -28.03
C ASP A 181 -32.17 19.62 -27.35
N SER A 182 -33.05 20.46 -27.87
CA SER A 182 -33.23 21.79 -27.31
C SER A 182 -34.06 21.78 -26.04
N ASN A 183 -34.89 20.74 -25.88
CA ASN A 183 -35.75 20.64 -24.70
C ASN A 183 -35.12 19.90 -23.51
N ALA A 184 -33.83 19.55 -23.62
CA ALA A 184 -33.14 18.84 -22.53
C ALA A 184 -33.19 19.68 -21.25
N VAL A 185 -33.35 19.02 -20.11
CA VAL A 185 -33.40 19.71 -18.82
C VAL A 185 -32.17 19.39 -17.99
N VAL A 186 -31.75 18.12 -18.02
CA VAL A 186 -30.54 17.72 -17.32
C VAL A 186 -29.85 16.55 -18.04
N ILE A 187 -28.57 16.75 -18.34
CA ILE A 187 -27.76 15.75 -19.02
C ILE A 187 -26.74 15.19 -18.04
N MET A 188 -26.72 13.88 -17.92
CA MET A 188 -25.79 13.20 -17.03
C MET A 188 -24.82 12.45 -17.92
N VAL A 189 -23.52 12.68 -17.73
CA VAL A 189 -22.52 11.99 -18.52
C VAL A 189 -21.55 11.26 -17.62
N ASN A 190 -21.22 10.03 -18.02
CA ASN A 190 -20.28 9.19 -17.27
C ASN A 190 -19.26 8.71 -18.29
N TYR A 191 -17.98 8.89 -17.98
CA TYR A 191 -16.92 8.53 -18.91
C TYR A 191 -15.74 7.83 -18.25
N ILE A 192 -15.08 6.99 -19.02
CA ILE A 192 -13.94 6.28 -18.48
C ILE A 192 -13.01 5.80 -19.58
N PHE A 193 -11.72 6.11 -19.40
CA PHE A 193 -10.70 5.67 -20.35
C PHE A 193 -9.65 4.91 -19.55
N PHE A 194 -9.24 3.76 -20.06
CA PHE A 194 -8.26 2.92 -19.38
C PHE A 194 -7.23 2.31 -20.31
N LYS A 195 -5.97 2.44 -19.89
CA LYS A 195 -4.83 1.87 -20.62
C LYS A 195 -3.72 1.66 -19.60
N ALA A 196 -3.33 0.40 -19.40
CA ALA A 196 -2.29 0.07 -18.46
C ALA A 196 -1.24 -0.84 -19.09
N LYS A 197 -0.05 -0.83 -18.51
CA LYS A 197 1.04 -1.67 -18.99
C LYS A 197 0.85 -3.08 -18.46
N TRP A 198 1.14 -4.07 -19.30
CA TRP A 198 1.01 -5.44 -18.87
C TRP A 198 2.08 -5.64 -17.80
N GLU A 199 1.91 -6.67 -16.97
CA GLU A 199 2.93 -6.94 -15.96
C GLU A 199 4.14 -7.39 -16.78
N THR A 200 3.85 -8.22 -17.79
CA THR A 200 4.88 -8.73 -18.70
C THR A 200 4.52 -8.28 -20.11
N SER A 201 5.52 -7.78 -20.83
CA SER A 201 5.33 -7.27 -22.18
C SER A 201 5.17 -8.34 -23.25
N PHE A 202 4.73 -7.90 -24.44
CA PHE A 202 4.55 -8.76 -25.59
C PHE A 202 5.63 -8.31 -26.56
N ASN A 203 6.53 -9.21 -26.93
CA ASN A 203 7.60 -8.85 -27.85
C ASN A 203 7.03 -8.37 -29.18
N HIS A 204 7.42 -7.19 -29.61
CA HIS A 204 6.94 -6.64 -30.88
C HIS A 204 7.33 -7.56 -32.03
N LYS A 205 8.20 -8.53 -31.74
CA LYS A 205 8.65 -9.48 -32.75
C LYS A 205 7.69 -10.68 -32.82
N GLY A 206 6.71 -10.69 -31.91
CA GLY A 206 5.74 -11.76 -31.90
C GLY A 206 4.44 -11.31 -32.53
N THR A 207 4.39 -10.05 -32.95
CA THR A 207 3.19 -9.50 -33.54
C THR A 207 3.20 -9.59 -35.06
N GLN A 208 2.24 -10.32 -35.60
CA GLN A 208 2.12 -10.48 -37.04
C GLN A 208 0.66 -10.39 -37.44
N GLU A 209 0.42 -9.96 -38.67
CA GLU A 209 -0.94 -9.87 -39.17
C GLU A 209 -1.53 -11.27 -39.21
N GLN A 210 -2.83 -11.40 -38.98
CA GLN A 210 -3.46 -12.70 -39.02
C GLN A 210 -4.97 -12.57 -39.15
N ASP A 211 -5.60 -13.63 -39.61
CA ASP A 211 -7.04 -13.67 -39.81
C ASP A 211 -7.83 -13.72 -38.49
N PHE A 212 -8.93 -12.96 -38.44
CA PHE A 212 -9.81 -12.95 -37.26
C PHE A 212 -11.18 -13.19 -37.86
N TYR A 213 -11.86 -14.25 -37.42
CA TYR A 213 -13.19 -14.58 -37.95
C TYR A 213 -14.37 -13.95 -37.23
N VAL A 214 -14.82 -12.77 -37.69
CA VAL A 214 -15.97 -12.10 -37.09
C VAL A 214 -17.12 -13.12 -37.15
N THR A 215 -17.29 -13.73 -38.31
CA THR A 215 -18.28 -14.79 -38.52
C THR A 215 -17.57 -15.79 -39.42
N SER A 216 -18.25 -16.88 -39.77
CA SER A 216 -17.62 -17.88 -40.63
C SER A 216 -17.27 -17.30 -41.99
N GLU A 217 -18.04 -16.32 -42.44
CA GLU A 217 -17.81 -15.70 -43.75
C GLU A 217 -17.25 -14.29 -43.73
N THR A 218 -17.12 -13.69 -42.55
CA THR A 218 -16.56 -12.34 -42.48
C THR A 218 -15.21 -12.43 -41.77
N VAL A 219 -14.14 -12.19 -42.53
CA VAL A 219 -12.80 -12.27 -41.99
C VAL A 219 -11.99 -10.98 -42.20
N VAL A 220 -11.22 -10.60 -41.17
CA VAL A 220 -10.39 -9.40 -41.22
C VAL A 220 -8.98 -9.66 -40.70
N ARG A 221 -8.01 -8.97 -41.30
CA ARG A 221 -6.61 -9.11 -40.90
C ARG A 221 -6.38 -8.26 -39.66
N VAL A 222 -5.69 -8.81 -38.66
CA VAL A 222 -5.44 -8.05 -37.45
C VAL A 222 -4.05 -8.36 -36.92
N PRO A 223 -3.42 -7.39 -36.24
CA PRO A 223 -2.08 -7.64 -35.71
C PRO A 223 -2.20 -8.47 -34.43
N MET A 224 -1.78 -9.73 -34.50
CA MET A 224 -1.84 -10.64 -33.36
C MET A 224 -0.57 -10.69 -32.51
N MET A 225 -0.71 -10.33 -31.23
CA MET A 225 0.45 -10.38 -30.34
C MET A 225 0.50 -11.82 -29.85
N SER A 226 1.69 -12.26 -29.41
CA SER A 226 1.84 -13.62 -28.92
C SER A 226 2.90 -13.68 -27.83
N ARG A 227 2.76 -14.65 -26.92
CA ARG A 227 3.70 -14.84 -25.83
C ARG A 227 3.45 -16.13 -25.08
N GLU A 228 4.45 -17.00 -25.05
CA GLU A 228 4.31 -18.26 -24.35
C GLU A 228 4.68 -17.98 -22.90
N ASP A 229 3.91 -18.53 -21.97
CA ASP A 229 4.20 -18.27 -20.56
C ASP A 229 3.23 -19.05 -19.68
N GLN A 230 3.32 -18.83 -18.38
CA GLN A 230 2.44 -19.50 -17.44
C GLN A 230 1.30 -18.53 -17.17
N TYR A 231 0.08 -18.94 -17.54
CA TYR A 231 -1.10 -18.10 -17.36
C TYR A 231 -2.15 -18.83 -16.51
N HIS A 232 -3.01 -18.07 -15.85
CA HIS A 232 -4.08 -18.71 -15.07
C HIS A 232 -5.07 -19.17 -16.14
N TYR A 233 -5.19 -20.48 -16.29
CA TYR A 233 -6.09 -21.03 -17.28
C TYR A 233 -7.36 -21.61 -16.65
N LEU A 234 -8.36 -21.85 -17.47
CA LEU A 234 -9.62 -22.41 -16.99
C LEU A 234 -10.46 -22.96 -18.13
N LEU A 235 -10.85 -24.22 -18.00
CA LEU A 235 -11.70 -24.86 -18.99
C LEU A 235 -13.05 -25.02 -18.29
N ASP A 236 -14.08 -24.41 -18.85
CA ASP A 236 -15.40 -24.52 -18.26
C ASP A 236 -16.25 -25.40 -19.18
N ARG A 237 -16.46 -26.64 -18.76
CA ARG A 237 -17.24 -27.57 -19.56
C ARG A 237 -18.72 -27.29 -19.49
N ASN A 238 -19.17 -26.71 -18.38
CA ASN A 238 -20.58 -26.41 -18.22
C ASN A 238 -21.04 -25.47 -19.32
N LEU A 239 -20.42 -24.29 -19.37
CA LEU A 239 -20.76 -23.28 -20.36
C LEU A 239 -20.07 -23.52 -21.70
N SER A 240 -18.98 -24.27 -21.68
CA SER A 240 -18.23 -24.56 -22.90
C SER A 240 -17.37 -23.39 -23.38
N CYS A 241 -16.37 -23.01 -22.57
CA CYS A 241 -15.49 -21.91 -22.93
C CYS A 241 -14.18 -21.95 -22.16
N ARG A 242 -13.15 -21.35 -22.73
CA ARG A 242 -11.84 -21.29 -22.09
C ARG A 242 -11.60 -19.88 -21.58
N VAL A 243 -11.11 -19.76 -20.36
CA VAL A 243 -10.82 -18.46 -19.78
C VAL A 243 -9.38 -18.38 -19.36
N VAL A 244 -8.71 -17.29 -19.72
CA VAL A 244 -7.31 -17.09 -19.36
C VAL A 244 -7.14 -15.74 -18.67
N GLY A 245 -6.19 -15.66 -17.75
CA GLY A 245 -5.94 -14.42 -17.03
C GLY A 245 -4.61 -13.79 -17.38
N VAL A 246 -4.61 -12.48 -17.60
CA VAL A 246 -3.39 -11.75 -17.94
C VAL A 246 -3.36 -10.57 -16.99
N PRO A 247 -2.42 -10.56 -16.05
CA PRO A 247 -2.29 -9.47 -15.06
C PRO A 247 -1.68 -8.19 -15.56
N TYR A 248 -2.23 -7.07 -15.10
CA TYR A 248 -1.74 -5.75 -15.46
C TYR A 248 -0.73 -5.30 -14.41
N GLN A 249 0.23 -4.48 -14.83
CA GLN A 249 1.24 -3.96 -13.91
C GLN A 249 0.58 -3.09 -12.85
N GLY A 250 -0.14 -3.75 -11.93
CA GLY A 250 -0.83 -3.03 -10.88
C GLY A 250 -1.69 -3.96 -10.05
N ASN A 251 -2.97 -3.64 -9.93
CA ASN A 251 -3.88 -4.48 -9.15
C ASN A 251 -4.99 -5.04 -10.06
N ALA A 252 -4.95 -4.68 -11.34
CA ALA A 252 -5.96 -5.15 -12.29
C ALA A 252 -5.52 -6.36 -13.11
N THR A 253 -6.50 -7.19 -13.46
CA THR A 253 -6.22 -8.38 -14.26
C THR A 253 -7.29 -8.59 -15.34
N ALA A 254 -6.81 -8.76 -16.57
CA ALA A 254 -7.69 -8.95 -17.71
C ALA A 254 -8.06 -10.42 -17.87
N LEU A 255 -9.34 -10.69 -18.11
CA LEU A 255 -9.76 -12.07 -18.32
C LEU A 255 -10.35 -12.14 -19.73
N PHE A 256 -9.84 -13.04 -20.55
CA PHE A 256 -10.36 -13.20 -21.91
C PHE A 256 -11.07 -14.54 -22.04
N ILE A 257 -12.34 -14.49 -22.44
CA ILE A 257 -13.16 -15.67 -22.58
C ILE A 257 -13.35 -16.08 -24.04
N LEU A 258 -12.91 -17.29 -24.38
CA LEU A 258 -13.06 -17.81 -25.72
C LEU A 258 -14.08 -18.96 -25.72
N PRO A 259 -15.27 -18.71 -26.29
CA PRO A 259 -16.32 -19.73 -26.36
C PRO A 259 -15.98 -20.84 -27.35
N SER A 260 -16.55 -22.02 -27.16
CA SER A 260 -16.29 -23.11 -28.11
C SER A 260 -16.97 -22.69 -29.40
N GLU A 261 -16.57 -23.28 -30.51
CA GLU A 261 -17.15 -22.96 -31.81
C GLU A 261 -18.66 -22.87 -31.69
N GLY A 262 -19.21 -21.72 -32.07
CA GLY A 262 -20.65 -21.51 -32.03
C GLY A 262 -21.35 -21.37 -30.69
N LYS A 263 -20.60 -21.31 -29.58
CA LYS A 263 -21.23 -21.20 -28.27
C LYS A 263 -21.33 -19.81 -27.64
N MET A 264 -21.08 -18.75 -28.41
CA MET A 264 -21.15 -17.41 -27.85
C MET A 264 -22.44 -17.11 -27.08
N GLN A 265 -23.59 -17.38 -27.71
CA GLN A 265 -24.89 -17.12 -27.08
C GLN A 265 -25.06 -17.87 -25.76
N GLN A 266 -24.61 -19.13 -25.74
CA GLN A 266 -24.70 -19.96 -24.55
C GLN A 266 -23.92 -19.32 -23.40
N VAL A 267 -22.66 -18.98 -23.68
CA VAL A 267 -21.82 -18.34 -22.68
C VAL A 267 -22.48 -17.06 -22.16
N GLU A 268 -22.94 -16.21 -23.05
CA GLU A 268 -23.59 -14.97 -22.62
C GLU A 268 -24.76 -15.30 -21.70
N ASN A 269 -25.52 -16.34 -22.03
CA ASN A 269 -26.65 -16.75 -21.21
C ASN A 269 -26.20 -17.24 -19.85
N GLY A 270 -24.95 -17.67 -19.77
CA GLY A 270 -24.41 -18.17 -18.51
C GLY A 270 -23.70 -17.15 -17.65
N LEU A 271 -23.46 -15.96 -18.18
CA LEU A 271 -22.77 -14.93 -17.41
C LEU A 271 -23.57 -14.50 -16.18
N SER A 272 -22.89 -14.44 -15.04
CA SER A 272 -23.52 -14.05 -13.78
C SER A 272 -22.44 -13.98 -12.71
N GLU A 273 -22.64 -13.14 -11.71
CA GLU A 273 -21.67 -12.99 -10.64
C GLU A 273 -21.27 -14.34 -10.06
N LYS A 274 -22.24 -15.24 -9.92
CA LYS A 274 -21.97 -16.57 -9.41
C LYS A 274 -20.87 -17.19 -10.27
N THR A 275 -21.14 -17.28 -11.57
CA THR A 275 -20.17 -17.83 -12.52
C THR A 275 -18.80 -17.21 -12.37
N LEU A 276 -18.75 -15.89 -12.17
CA LEU A 276 -17.44 -15.26 -12.05
C LEU A 276 -16.72 -15.83 -10.84
N ARG A 277 -17.42 -15.88 -9.70
CA ARG A 277 -16.83 -16.43 -8.48
C ARG A 277 -16.28 -17.82 -8.80
N LYS A 278 -17.13 -18.65 -9.39
CA LYS A 278 -16.73 -20.01 -9.74
C LYS A 278 -15.40 -20.00 -10.49
N TRP A 279 -15.33 -19.18 -11.56
CA TRP A 279 -14.12 -19.10 -12.38
C TRP A 279 -12.89 -18.67 -11.58
N LEU A 280 -13.08 -17.73 -10.67
CA LEU A 280 -11.98 -17.22 -9.85
C LEU A 280 -11.41 -18.26 -8.88
N LYS A 281 -11.83 -19.51 -9.06
CA LYS A 281 -11.36 -20.61 -8.22
C LYS A 281 -10.69 -21.65 -9.11
N MET A 282 -11.39 -22.04 -10.17
CA MET A 282 -10.89 -23.03 -11.10
C MET A 282 -9.54 -22.61 -11.72
N PHE A 283 -9.20 -21.33 -11.58
CA PHE A 283 -7.95 -20.83 -12.14
C PHE A 283 -6.69 -21.54 -11.67
N LYS A 284 -6.00 -22.15 -12.62
CA LYS A 284 -4.76 -22.86 -12.34
C LYS A 284 -3.71 -22.40 -13.34
N LYS A 285 -2.44 -22.50 -12.96
CA LYS A 285 -1.36 -22.11 -13.85
C LYS A 285 -1.17 -23.17 -14.93
N ARG A 286 -1.01 -22.73 -16.17
CA ARG A 286 -0.82 -23.65 -17.28
C ARG A 286 0.09 -22.99 -18.32
N GLN A 287 1.04 -23.76 -18.84
CA GLN A 287 1.96 -23.24 -19.84
C GLN A 287 1.10 -23.05 -21.09
N LEU A 288 1.12 -21.83 -21.64
CA LEU A 288 0.34 -21.51 -22.82
C LEU A 288 1.03 -20.60 -23.81
N GLU A 289 0.78 -20.84 -25.10
CA GLU A 289 1.29 -19.97 -26.14
C GLU A 289 0.04 -19.16 -26.53
N LEU A 290 -0.11 -17.99 -25.90
CA LEU A 290 -1.27 -17.14 -26.14
C LEU A 290 -1.15 -16.23 -27.36
N TYR A 291 -2.25 -16.16 -28.11
CA TYR A 291 -2.35 -15.31 -29.30
C TYR A 291 -3.52 -14.35 -29.08
N LEU A 292 -3.20 -13.10 -28.75
CA LEU A 292 -4.19 -12.06 -28.45
C LEU A 292 -4.03 -10.89 -29.40
N PRO A 293 -5.15 -10.36 -29.89
CA PRO A 293 -5.11 -9.22 -30.81
C PRO A 293 -4.77 -7.88 -30.19
N LYS A 294 -4.09 -7.03 -30.95
CA LYS A 294 -3.77 -5.68 -30.49
C LYS A 294 -5.03 -4.92 -30.96
N PHE A 295 -5.68 -4.17 -30.08
CA PHE A 295 -6.90 -3.47 -30.50
C PHE A 295 -7.41 -2.39 -29.54
N SER A 296 -8.33 -1.58 -30.04
CA SER A 296 -8.95 -0.54 -29.22
C SER A 296 -10.43 -0.84 -29.29
N ILE A 297 -11.14 -0.69 -28.19
CA ILE A 297 -12.57 -0.98 -28.19
C ILE A 297 -13.34 0.09 -27.41
N GLU A 298 -14.54 0.42 -27.88
CA GLU A 298 -15.34 1.42 -27.21
C GLU A 298 -16.84 1.18 -27.27
N GLY A 299 -17.52 1.68 -26.25
CA GLY A 299 -18.96 1.53 -26.19
C GLY A 299 -19.55 2.87 -25.79
N SER A 300 -20.64 3.26 -26.45
CA SER A 300 -21.29 4.52 -26.15
C SER A 300 -22.78 4.26 -26.05
N TYR A 301 -23.38 4.61 -24.92
CA TYR A 301 -24.79 4.33 -24.75
C TYR A 301 -25.65 5.40 -24.10
N GLN A 302 -26.94 5.36 -24.44
CA GLN A 302 -27.95 6.26 -23.91
C GLN A 302 -28.70 5.32 -22.97
N LEU A 303 -28.29 5.32 -21.70
CA LEU A 303 -28.89 4.44 -20.72
C LEU A 303 -30.36 4.71 -20.41
N GLU A 304 -30.90 5.81 -20.91
CA GLU A 304 -32.30 6.09 -20.65
C GLU A 304 -33.20 5.21 -21.54
N LYS A 305 -32.59 4.42 -22.41
CA LYS A 305 -33.34 3.55 -23.33
C LYS A 305 -33.19 2.09 -22.98
N VAL A 306 -32.42 1.79 -21.94
CA VAL A 306 -32.19 0.41 -21.53
C VAL A 306 -32.47 0.15 -20.05
N LEU A 307 -32.09 1.09 -19.20
CA LEU A 307 -32.29 0.92 -17.77
C LEU A 307 -33.74 0.68 -17.36
N PRO A 308 -34.70 1.33 -18.03
CA PRO A 308 -36.09 1.10 -17.65
C PRO A 308 -36.48 -0.39 -17.70
N SER A 309 -35.89 -1.12 -18.63
CA SER A 309 -36.18 -2.54 -18.77
C SER A 309 -35.61 -3.31 -17.59
N LEU A 310 -34.64 -2.71 -16.89
CA LEU A 310 -34.05 -3.34 -15.72
C LEU A 310 -34.73 -2.83 -14.43
N GLY A 311 -35.86 -2.14 -14.56
CA GLY A 311 -36.55 -1.64 -13.38
C GLY A 311 -36.28 -0.20 -12.96
N ILE A 312 -35.43 0.54 -13.68
CA ILE A 312 -35.15 1.93 -13.33
C ILE A 312 -35.76 2.78 -14.44
N SER A 313 -36.96 3.30 -14.19
CA SER A 313 -37.69 4.07 -15.18
C SER A 313 -38.23 5.45 -14.80
N ASN A 314 -38.61 5.60 -13.53
CA ASN A 314 -39.19 6.85 -13.05
C ASN A 314 -38.30 8.08 -13.20
N VAL A 315 -37.00 7.88 -13.03
CA VAL A 315 -36.05 8.98 -13.11
C VAL A 315 -36.03 9.69 -14.47
N PHE A 316 -36.53 9.03 -15.52
CA PHE A 316 -36.54 9.61 -16.86
C PHE A 316 -37.92 10.16 -17.25
N THR A 317 -38.89 9.98 -16.36
CA THR A 317 -40.25 10.44 -16.65
C THR A 317 -40.57 11.79 -16.07
N SER A 318 -41.70 12.35 -16.48
CA SER A 318 -42.15 13.64 -15.99
C SER A 318 -42.52 13.48 -14.52
N HIS A 319 -42.78 12.25 -14.11
CA HIS A 319 -43.15 11.97 -12.73
C HIS A 319 -41.91 11.71 -11.89
N ALA A 320 -40.74 12.02 -12.45
CA ALA A 320 -39.50 11.82 -11.74
C ALA A 320 -39.47 12.64 -10.44
N ASP A 321 -38.84 12.09 -9.42
CA ASP A 321 -38.72 12.77 -8.15
C ASP A 321 -37.24 13.09 -7.91
N LEU A 322 -36.85 14.31 -8.27
CA LEU A 322 -35.47 14.74 -8.09
C LEU A 322 -35.51 15.99 -7.20
N SER A 323 -36.41 15.96 -6.22
CA SER A 323 -36.59 17.07 -5.30
C SER A 323 -35.38 17.32 -4.41
N GLY A 324 -34.46 16.37 -4.36
CA GLY A 324 -33.27 16.56 -3.54
C GLY A 324 -32.30 17.44 -4.28
N ILE A 325 -32.50 17.52 -5.60
CA ILE A 325 -31.65 18.32 -6.48
C ILE A 325 -32.16 19.75 -6.68
N SER A 326 -33.47 19.91 -6.77
CA SER A 326 -34.08 21.21 -6.99
C SER A 326 -35.55 21.20 -6.56
N ASN A 327 -36.12 22.38 -6.35
CA ASN A 327 -37.52 22.49 -5.95
C ASN A 327 -38.34 22.76 -7.21
N HIS A 328 -37.65 22.85 -8.34
CA HIS A 328 -38.27 23.11 -9.62
C HIS A 328 -39.07 21.89 -10.05
N SER A 329 -40.27 22.09 -10.57
CA SER A 329 -41.08 20.97 -11.01
C SER A 329 -40.72 20.59 -12.46
N ASN A 330 -41.31 19.50 -12.93
CA ASN A 330 -41.09 19.01 -14.28
C ASN A 330 -39.63 18.78 -14.69
N ILE A 331 -38.80 18.27 -13.77
CA ILE A 331 -37.42 18.00 -14.14
C ILE A 331 -37.16 16.49 -14.06
N GLN A 332 -36.29 15.99 -14.91
CA GLN A 332 -35.96 14.57 -14.93
C GLN A 332 -34.68 14.42 -15.75
N VAL A 333 -34.07 13.23 -15.73
CA VAL A 333 -32.88 13.01 -16.54
C VAL A 333 -33.30 12.84 -18.00
N SER A 334 -32.91 13.80 -18.84
CA SER A 334 -33.23 13.79 -20.27
C SER A 334 -32.37 12.77 -21.00
N GLU A 335 -31.11 12.69 -20.59
CA GLU A 335 -30.16 11.78 -21.20
C GLU A 335 -29.13 11.36 -20.19
N MET A 336 -28.81 10.07 -20.22
CA MET A 336 -27.80 9.51 -19.35
C MET A 336 -26.87 8.74 -20.28
N VAL A 337 -25.81 9.43 -20.72
CA VAL A 337 -24.84 8.85 -21.66
C VAL A 337 -23.66 8.24 -20.93
N HIS A 338 -23.17 7.13 -21.47
CA HIS A 338 -22.04 6.42 -20.90
C HIS A 338 -21.04 6.02 -21.97
N LYS A 339 -19.78 6.41 -21.83
CA LYS A 339 -18.78 6.00 -22.80
C LYS A 339 -17.53 5.42 -22.20
N ALA A 340 -17.23 4.17 -22.57
CA ALA A 340 -16.06 3.45 -22.10
C ALA A 340 -15.13 3.19 -23.26
N VAL A 341 -13.85 3.51 -23.06
CA VAL A 341 -12.81 3.33 -24.06
C VAL A 341 -11.64 2.60 -23.40
N VAL A 342 -11.07 1.63 -24.10
CA VAL A 342 -9.93 0.86 -23.60
C VAL A 342 -9.03 0.47 -24.78
N GLU A 343 -7.72 0.64 -24.58
CA GLU A 343 -6.75 0.27 -25.62
C GLU A 343 -5.89 -0.87 -25.10
N VAL A 344 -5.60 -1.84 -25.97
CA VAL A 344 -4.77 -2.98 -25.60
C VAL A 344 -3.61 -3.13 -26.59
N ASP A 345 -2.38 -3.18 -26.08
CA ASP A 345 -1.22 -3.38 -26.94
C ASP A 345 -0.10 -4.15 -26.22
N GLU A 346 1.07 -4.26 -26.86
CA GLU A 346 2.20 -4.99 -26.30
C GLU A 346 2.79 -4.48 -24.98
N SER A 347 2.97 -3.16 -24.89
CA SER A 347 3.55 -2.53 -23.72
C SER A 347 3.29 -3.16 -22.36
N GLY A 348 4.37 -3.47 -21.66
CA GLY A 348 4.27 -4.07 -20.33
C GLY A 348 5.36 -3.52 -19.44
N THR A 349 5.39 -3.96 -18.18
CA THR A 349 6.39 -3.50 -17.24
C THR A 349 7.78 -4.07 -17.59
N ARG A 350 7.87 -5.39 -17.60
CA ARG A 350 9.13 -6.06 -17.92
C ARG A 350 9.02 -6.95 -19.15
N ALA A 351 10.14 -7.16 -19.85
CA ALA A 351 10.16 -7.99 -21.04
C ALA A 351 10.17 -9.45 -20.63
N ALA A 352 9.66 -10.32 -21.49
CA ALA A 352 9.64 -11.75 -21.21
C ALA A 352 11.02 -12.29 -20.90
N ALA A 353 11.30 -12.55 -19.62
CA ALA A 353 12.58 -13.11 -19.19
C ALA A 353 12.64 -14.50 -19.83
N ALA A 354 13.46 -15.46 -19.38
CA ALA A 354 13.39 -16.65 -20.22
C ALA A 354 13.80 -18.09 -20.01
N THR A 355 14.22 -18.53 -21.19
CA THR A 355 14.67 -19.81 -21.60
C THR A 355 16.10 -19.74 -22.02
N GLY A 356 16.81 -18.79 -21.45
CA GLY A 356 18.25 -18.76 -21.69
C GLY A 356 18.55 -19.96 -20.81
N THR A 357 17.82 -21.04 -21.13
CA THR A 357 17.81 -22.27 -20.39
C THR A 357 17.17 -23.37 -21.27
N ILE A 358 16.74 -23.01 -22.47
CA ILE A 358 16.09 -23.95 -23.40
C ILE A 358 16.96 -25.19 -23.64
N PHE A 359 16.59 -26.28 -22.98
CA PHE A 359 17.33 -27.54 -23.13
C PHE A 359 16.48 -28.50 -23.96
N THR A 360 17.10 -29.13 -24.95
CA THR A 360 16.41 -30.09 -25.81
C THR A 360 17.32 -30.62 -26.91
N PHE A 361 17.17 -31.91 -27.22
CA PHE A 361 17.96 -32.56 -28.25
C PHE A 361 17.32 -32.29 -29.61
N ARG A 362 16.05 -31.92 -29.59
CA ARG A 362 15.30 -31.62 -30.82
C ARG A 362 15.89 -30.41 -31.53
N SER A 363 15.56 -30.28 -32.81
CA SER A 363 16.04 -29.14 -33.59
C SER A 363 15.36 -27.89 -33.01
N ALA A 364 14.09 -28.05 -32.67
CA ALA A 364 13.29 -26.97 -32.07
C ALA A 364 12.34 -27.54 -31.03
N ARG A 365 12.21 -26.85 -29.89
CA ARG A 365 11.33 -27.28 -28.81
C ARG A 365 9.94 -27.45 -29.39
N LEU A 366 9.10 -28.30 -28.80
CA LEU A 366 7.76 -28.43 -29.33
C LEU A 366 6.85 -27.42 -28.65
N ASN A 367 5.70 -27.17 -29.28
CA ASN A 367 4.72 -26.21 -28.80
C ASN A 367 4.03 -26.63 -27.51
N SER A 368 3.47 -25.65 -26.81
CA SER A 368 2.72 -25.87 -25.58
C SER A 368 1.26 -25.77 -26.00
N GLN A 369 0.35 -25.70 -25.04
CA GLN A 369 -1.06 -25.57 -25.39
C GLN A 369 -1.24 -24.19 -26.00
N ARG A 370 -1.93 -24.12 -27.14
CA ARG A 370 -2.14 -22.86 -27.80
C ARG A 370 -3.57 -22.35 -27.70
N LEU A 371 -3.69 -21.09 -27.30
CA LEU A 371 -4.99 -20.45 -27.14
C LEU A 371 -4.94 -19.21 -28.04
N VAL A 372 -5.75 -19.24 -29.10
CA VAL A 372 -5.79 -18.14 -30.07
C VAL A 372 -7.14 -17.44 -30.17
N PHE A 373 -7.13 -16.14 -29.89
CA PHE A 373 -8.35 -15.35 -29.98
C PHE A 373 -8.49 -14.74 -31.37
N ASN A 374 -9.01 -15.55 -32.29
CA ASN A 374 -9.20 -15.10 -33.67
C ASN A 374 -10.66 -15.30 -34.07
N ARG A 375 -11.54 -15.27 -33.07
CA ARG A 375 -12.98 -15.40 -33.21
C ARG A 375 -13.52 -14.53 -32.09
N PRO A 376 -14.78 -14.07 -32.19
CA PRO A 376 -15.32 -13.22 -31.12
C PRO A 376 -15.10 -13.79 -29.71
N PHE A 377 -14.75 -12.92 -28.76
CA PHE A 377 -14.53 -13.35 -27.39
C PHE A 377 -15.08 -12.32 -26.40
N LEU A 378 -15.19 -12.71 -25.14
CA LEU A 378 -15.66 -11.80 -24.09
C LEU A 378 -14.45 -11.36 -23.29
N MET A 379 -14.55 -10.22 -22.62
CA MET A 379 -13.45 -9.73 -21.81
C MET A 379 -13.90 -8.95 -20.58
N PHE A 380 -13.24 -9.24 -19.46
CA PHE A 380 -13.51 -8.57 -18.20
C PHE A 380 -12.17 -7.93 -17.81
N ILE A 381 -12.24 -6.82 -17.08
CA ILE A 381 -11.03 -6.20 -16.54
C ILE A 381 -11.47 -5.97 -15.09
N VAL A 382 -10.89 -6.74 -14.17
CA VAL A 382 -11.28 -6.63 -12.78
C VAL A 382 -10.17 -6.40 -11.77
N ASP A 383 -10.50 -5.63 -10.74
CA ASP A 383 -9.61 -5.33 -9.61
C ASP A 383 -10.16 -6.26 -8.53
N ASN A 384 -10.99 -5.68 -7.68
CA ASN A 384 -11.68 -6.42 -6.62
C ASN A 384 -13.14 -6.31 -7.05
N ASN A 385 -13.35 -5.50 -8.08
CA ASN A 385 -14.67 -5.26 -8.68
C ASN A 385 -14.51 -5.54 -10.17
N ILE A 386 -15.50 -5.13 -10.96
CA ILE A 386 -15.44 -5.31 -12.41
C ILE A 386 -15.39 -3.93 -13.06
N LEU A 387 -14.20 -3.50 -13.46
CA LEU A 387 -14.04 -2.20 -14.11
C LEU A 387 -14.61 -2.21 -15.52
N PHE A 388 -14.40 -3.32 -16.24
CA PHE A 388 -14.90 -3.42 -17.61
C PHE A 388 -15.47 -4.78 -17.95
N LEU A 389 -16.44 -4.77 -18.85
CA LEU A 389 -17.13 -5.97 -19.32
C LEU A 389 -17.54 -5.71 -20.76
N GLY A 390 -17.20 -6.61 -21.66
CA GLY A 390 -17.57 -6.42 -23.06
C GLY A 390 -17.39 -7.63 -23.94
N LYS A 391 -17.86 -7.51 -25.17
CA LYS A 391 -17.74 -8.58 -26.18
C LYS A 391 -16.97 -8.05 -27.38
N VAL A 392 -15.81 -8.62 -27.64
CA VAL A 392 -15.01 -8.18 -28.77
C VAL A 392 -15.40 -9.01 -30.00
N ASN A 393 -16.33 -8.48 -30.80
CA ASN A 393 -16.76 -9.17 -32.01
C ASN A 393 -15.84 -8.83 -33.18
N ARG A 394 -15.29 -7.62 -33.18
CA ARG A 394 -14.44 -7.19 -34.27
C ARG A 394 -13.42 -6.15 -33.80
N PRO A 395 -12.16 -6.57 -33.59
CA PRO A 395 -11.03 -5.75 -33.15
C PRO A 395 -10.88 -4.42 -33.88
N ARG B 35 25.85 9.60 9.54
CA ARG B 35 27.20 9.19 9.05
C ARG B 35 27.20 7.69 8.79
N ASP B 36 26.01 7.10 8.72
CA ASP B 36 25.88 5.66 8.53
C ASP B 36 26.50 5.03 9.77
N PHE B 37 26.46 5.80 10.86
CA PHE B 37 26.96 5.36 12.15
C PHE B 37 25.99 4.28 12.61
N THR B 38 24.71 4.50 12.36
CA THR B 38 23.66 3.56 12.74
C THR B 38 23.88 2.20 12.09
N PHE B 39 24.14 2.21 10.79
CA PHE B 39 24.34 0.98 10.06
C PHE B 39 25.69 0.33 10.34
N ASP B 40 26.69 1.14 10.65
CA ASP B 40 28.01 0.59 11.00
C ASP B 40 27.86 -0.08 12.36
N LEU B 41 27.02 0.49 13.22
CA LEU B 41 26.79 -0.08 14.54
C LEU B 41 25.98 -1.36 14.36
N TYR B 42 25.04 -1.35 13.42
CA TYR B 42 24.25 -2.56 13.18
C TYR B 42 25.14 -3.77 12.82
N ARG B 43 26.08 -3.57 11.91
CA ARG B 43 26.95 -4.66 11.46
C ARG B 43 27.88 -5.16 12.56
N ALA B 44 28.42 -4.24 13.34
CA ALA B 44 29.31 -4.60 14.43
C ALA B 44 28.55 -5.48 15.41
N LEU B 45 27.31 -5.10 15.71
CA LEU B 45 26.49 -5.88 16.65
C LEU B 45 26.21 -7.28 16.09
N ALA B 46 25.97 -7.36 14.79
CA ALA B 46 25.69 -8.63 14.12
C ALA B 46 26.96 -9.49 13.98
N SER B 47 28.11 -8.85 13.76
CA SER B 47 29.37 -9.59 13.64
C SER B 47 29.70 -10.28 14.96
N ALA B 48 29.53 -9.55 16.05
CA ALA B 48 29.80 -10.06 17.38
C ALA B 48 28.87 -11.21 17.79
N ALA B 49 27.69 -11.29 17.17
CA ALA B 49 26.73 -12.34 17.49
C ALA B 49 26.02 -12.87 16.25
N PRO B 50 26.80 -13.47 15.32
CA PRO B 50 26.27 -14.03 14.07
C PRO B 50 25.13 -15.01 14.30
N SER B 51 24.19 -15.09 13.38
CA SER B 51 23.07 -16.01 13.48
C SER B 51 22.28 -15.81 14.77
N GLN B 52 22.04 -14.56 15.14
CA GLN B 52 21.28 -14.26 16.35
C GLN B 52 20.49 -12.98 16.13
N ASN B 53 19.36 -12.86 16.82
CA ASN B 53 18.52 -11.68 16.72
C ASN B 53 19.34 -10.43 17.09
N ILE B 54 19.09 -9.32 16.38
CA ILE B 54 19.76 -8.05 16.65
C ILE B 54 18.64 -7.01 16.71
N PHE B 55 18.59 -6.23 17.79
CA PHE B 55 17.53 -5.23 17.91
C PHE B 55 17.94 -4.04 18.77
N PHE B 56 17.85 -2.84 18.21
CA PHE B 56 18.19 -1.61 18.95
C PHE B 56 17.52 -0.36 18.38
N SER B 57 17.58 0.73 19.15
CA SER B 57 17.01 2.00 18.75
C SER B 57 18.12 3.00 18.44
N PRO B 58 18.36 3.25 17.15
CA PRO B 58 19.42 4.20 16.74
C PRO B 58 19.20 5.60 17.31
N VAL B 59 18.01 6.16 17.09
CA VAL B 59 17.73 7.51 17.57
C VAL B 59 17.87 7.59 19.10
N SER B 60 17.62 6.47 19.78
CA SER B 60 17.75 6.44 21.23
C SER B 60 19.24 6.44 21.61
N ILE B 61 20.06 5.75 20.82
CA ILE B 61 21.49 5.70 21.09
C ILE B 61 22.15 7.07 20.84
N SER B 62 21.73 7.74 19.76
CA SER B 62 22.23 9.06 19.42
C SER B 62 21.92 10.03 20.55
N MET B 63 20.68 9.99 21.02
CA MET B 63 20.23 10.86 22.11
C MET B 63 21.06 10.62 23.36
N SER B 64 21.32 9.35 23.65
CA SER B 64 22.12 8.96 24.80
C SER B 64 23.54 9.52 24.70
N LEU B 65 24.12 9.49 23.50
CA LEU B 65 25.47 10.00 23.30
C LEU B 65 25.51 11.53 23.36
N ALA B 66 24.49 12.19 22.82
CA ALA B 66 24.46 13.66 22.86
C ALA B 66 24.36 14.12 24.32
N MET B 67 23.55 13.40 25.10
CA MET B 67 23.38 13.70 26.51
C MET B 67 24.73 13.63 27.25
N LEU B 68 25.44 12.53 27.06
CA LEU B 68 26.72 12.31 27.71
C LEU B 68 27.75 13.39 27.34
N SER B 69 27.64 13.94 26.14
CA SER B 69 28.59 14.96 25.72
C SER B 69 28.49 16.23 26.57
N LEU B 70 27.37 16.41 27.28
CA LEU B 70 27.18 17.58 28.15
C LEU B 70 28.20 17.66 29.27
N GLY B 71 28.69 16.50 29.72
CA GLY B 71 29.67 16.50 30.80
C GLY B 71 31.05 16.04 30.37
N ALA B 72 31.24 15.88 29.06
CA ALA B 72 32.52 15.43 28.53
C ALA B 72 33.45 16.57 28.10
N GLY B 73 34.74 16.28 28.01
CA GLY B 73 35.70 17.29 27.57
C GLY B 73 36.76 16.75 26.60
N SER B 74 37.67 17.61 26.19
CA SER B 74 38.76 17.21 25.29
C SER B 74 38.38 16.33 24.11
N SER B 75 39.21 15.31 23.90
CA SER B 75 39.05 14.35 22.84
C SER B 75 37.93 13.37 23.18
N THR B 76 37.57 13.29 24.46
CA THR B 76 36.49 12.41 24.88
C THR B 76 35.22 12.91 24.21
N LYS B 77 35.00 14.22 24.34
CA LYS B 77 33.82 14.84 23.75
C LYS B 77 33.91 14.90 22.23
N MET B 78 35.07 15.30 21.72
CA MET B 78 35.25 15.40 20.27
C MET B 78 34.89 14.07 19.60
N GLN B 79 35.40 12.96 20.13
CA GLN B 79 35.07 11.65 19.60
C GLN B 79 33.56 11.40 19.55
N ILE B 80 32.85 11.86 20.56
CA ILE B 80 31.40 11.67 20.62
C ILE B 80 30.68 12.53 19.56
N LEU B 81 31.00 13.82 19.54
CA LEU B 81 30.38 14.73 18.60
C LEU B 81 30.63 14.30 17.15
N GLU B 82 31.85 13.85 16.84
CA GLU B 82 32.16 13.41 15.49
C GLU B 82 31.38 12.15 15.16
N GLY B 83 31.03 11.38 16.21
CA GLY B 83 30.27 10.16 16.01
C GLY B 83 28.82 10.46 15.66
N LEU B 84 28.35 11.64 16.08
CA LEU B 84 26.98 12.08 15.79
C LEU B 84 26.95 12.98 14.55
N GLY B 85 28.08 13.10 13.88
CA GLY B 85 28.15 13.92 12.68
C GLY B 85 28.01 15.43 12.83
N LEU B 86 28.47 16.00 13.94
CA LEU B 86 28.35 17.44 14.09
C LEU B 86 29.60 18.12 13.55
N ASN B 87 29.45 19.35 13.08
CA ASN B 87 30.57 20.11 12.55
C ASN B 87 30.64 21.38 13.39
N LEU B 88 31.52 21.37 14.38
CA LEU B 88 31.67 22.50 15.28
C LEU B 88 32.04 23.77 14.52
N GLN B 89 32.44 23.61 13.26
CA GLN B 89 32.81 24.76 12.42
C GLN B 89 31.63 25.27 11.58
N LYS B 90 30.64 24.42 11.35
CA LYS B 90 29.48 24.81 10.55
C LYS B 90 28.14 24.46 11.22
N SER B 91 28.15 24.35 12.55
CA SER B 91 26.95 24.02 13.32
C SER B 91 27.32 24.02 14.80
N SER B 92 26.36 24.38 15.66
CA SER B 92 26.63 24.44 17.10
C SER B 92 26.01 23.31 17.94
N GLU B 93 26.54 23.17 19.16
CA GLU B 93 26.07 22.15 20.09
C GLU B 93 24.73 22.60 20.69
N LYS B 94 24.56 23.90 20.83
CA LYS B 94 23.34 24.46 21.40
C LYS B 94 22.10 23.97 20.66
N GLU B 95 22.11 24.12 19.35
CA GLU B 95 20.98 23.70 18.52
C GLU B 95 20.85 22.18 18.49
N LEU B 96 21.96 21.50 18.71
CA LEU B 96 22.02 20.04 18.71
C LEU B 96 21.19 19.48 19.88
N HIS B 97 21.45 19.99 21.09
CA HIS B 97 20.72 19.54 22.28
C HIS B 97 19.26 20.00 22.20
N ARG B 98 19.06 21.21 21.67
CA ARG B 98 17.71 21.74 21.54
C ARG B 98 16.94 20.84 20.59
N GLY B 99 17.66 20.21 19.66
CA GLY B 99 17.05 19.30 18.71
C GLY B 99 16.50 18.07 19.40
N PHE B 100 17.35 17.41 20.21
CA PHE B 100 16.93 16.22 20.93
C PHE B 100 15.91 16.53 22.03
N GLN B 101 16.07 17.68 22.69
CA GLN B 101 15.14 18.07 23.74
C GLN B 101 13.72 18.18 23.19
N GLN B 102 13.59 18.64 21.94
CA GLN B 102 12.28 18.79 21.33
C GLN B 102 11.77 17.45 20.85
N LEU B 103 12.63 16.71 20.16
CA LEU B 103 12.28 15.39 19.67
C LEU B 103 11.78 14.54 20.85
N LEU B 104 12.41 14.72 22.01
CA LEU B 104 12.06 13.97 23.21
C LEU B 104 10.66 14.28 23.71
N GLN B 105 10.37 15.57 23.89
CA GLN B 105 9.05 15.99 24.36
C GLN B 105 8.01 15.47 23.39
N GLU B 106 8.38 15.42 22.12
CA GLU B 106 7.50 14.94 21.04
C GLU B 106 7.24 13.44 21.21
N LEU B 107 8.29 12.69 21.53
CA LEU B 107 8.17 11.24 21.71
C LEU B 107 7.51 10.87 23.03
N ASN B 108 7.47 11.80 23.98
CA ASN B 108 6.84 11.52 25.27
C ASN B 108 5.40 12.01 25.30
N GLN B 109 4.91 12.53 24.18
CA GLN B 109 3.53 13.01 24.09
C GLN B 109 2.59 11.81 24.09
N PRO B 110 1.75 11.69 25.14
CA PRO B 110 0.77 10.59 25.29
C PRO B 110 -0.30 10.50 24.20
N ARG B 111 -0.57 9.27 23.74
CA ARG B 111 -1.56 9.03 22.71
C ARG B 111 -2.08 7.59 22.71
N ASP B 112 -2.77 7.20 23.78
CA ASP B 112 -3.34 5.86 23.94
C ASP B 112 -3.57 5.19 22.58
N GLY B 113 -3.17 3.91 22.48
CA GLY B 113 -3.30 3.18 21.23
C GLY B 113 -1.90 3.15 20.66
N PHE B 114 -0.97 3.49 21.53
CA PHE B 114 0.45 3.57 21.23
C PHE B 114 1.06 3.48 22.62
N GLN B 115 2.19 2.78 22.74
CA GLN B 115 2.84 2.64 24.04
C GLN B 115 4.33 2.82 23.89
N LEU B 116 4.84 3.98 24.31
CA LEU B 116 6.26 4.28 24.19
C LEU B 116 6.93 4.74 25.49
N SER B 117 7.88 3.93 25.98
CA SER B 117 8.61 4.28 27.18
C SER B 117 10.09 4.33 26.85
N LEU B 118 10.69 5.50 26.96
CA LEU B 118 12.11 5.65 26.68
C LEU B 118 12.70 6.67 27.64
N GLY B 119 13.89 6.38 28.13
CA GLY B 119 14.53 7.29 29.05
C GLY B 119 16.02 7.03 29.09
N ASN B 120 16.68 7.72 30.02
CA ASN B 120 18.10 7.61 30.20
C ASN B 120 18.37 7.90 31.68
N ALA B 121 19.40 7.27 32.24
CA ALA B 121 19.74 7.54 33.62
C ALA B 121 21.21 7.22 33.89
N LEU B 122 21.84 8.03 34.72
CA LEU B 122 23.22 7.87 35.11
C LEU B 122 23.32 7.56 36.59
N PHE B 123 23.99 6.46 36.92
CA PHE B 123 24.17 6.10 38.32
C PHE B 123 25.67 6.30 38.59
N THR B 124 25.98 7.22 39.49
CA THR B 124 27.35 7.57 39.83
C THR B 124 27.73 7.24 41.28
N ASP B 125 28.91 6.66 41.48
CA ASP B 125 29.36 6.32 42.84
C ASP B 125 29.32 7.50 43.82
N LEU B 126 29.00 7.18 45.07
CA LEU B 126 28.90 8.17 46.14
C LEU B 126 30.10 9.09 46.29
N VAL B 127 31.28 8.61 45.88
CA VAL B 127 32.49 9.40 46.03
C VAL B 127 32.68 10.44 44.93
N VAL B 128 31.83 10.40 43.91
CA VAL B 128 31.93 11.37 42.82
C VAL B 128 31.05 12.60 43.05
N ASP B 129 31.66 13.75 43.33
CA ASP B 129 30.88 14.96 43.55
C ASP B 129 30.37 15.44 42.20
N LEU B 130 29.06 15.60 42.09
CA LEU B 130 28.43 16.04 40.85
C LEU B 130 28.32 17.56 40.68
N GLN B 131 28.48 18.02 39.45
CA GLN B 131 28.37 19.44 39.12
C GLN B 131 26.89 19.73 38.88
N ASP B 132 26.37 20.73 39.57
CA ASP B 132 24.97 21.10 39.41
C ASP B 132 24.63 21.46 37.97
N THR B 133 25.55 22.13 37.28
CA THR B 133 25.31 22.52 35.90
C THR B 133 25.03 21.31 35.01
N PHE B 134 25.72 20.19 35.27
CA PHE B 134 25.54 18.97 34.51
C PHE B 134 24.21 18.29 34.86
N VAL B 135 23.96 18.16 36.17
CA VAL B 135 22.72 17.55 36.63
C VAL B 135 21.51 18.32 36.10
N SER B 136 21.61 19.65 36.16
CA SER B 136 20.53 20.51 35.71
C SER B 136 20.32 20.37 34.20
N ALA B 137 21.40 20.43 33.44
CA ALA B 137 21.34 20.29 31.99
C ALA B 137 20.77 18.92 31.61
N MET B 138 21.21 17.87 32.31
CA MET B 138 20.72 16.52 32.02
C MET B 138 19.22 16.45 32.17
N LYS B 139 18.74 16.79 33.36
CA LYS B 139 17.32 16.76 33.67
C LYS B 139 16.50 17.72 32.82
N THR B 140 17.02 18.91 32.58
CA THR B 140 16.30 19.89 31.78
C THR B 140 16.17 19.52 30.30
N LEU B 141 17.31 19.24 29.66
CA LEU B 141 17.33 18.89 28.23
C LEU B 141 16.86 17.48 27.90
N TYR B 142 17.35 16.50 28.65
CA TYR B 142 17.00 15.12 28.35
C TYR B 142 16.08 14.40 29.33
N LEU B 143 15.58 15.10 30.34
CA LEU B 143 14.69 14.46 31.31
C LEU B 143 15.40 13.26 31.93
N ALA B 144 16.73 13.37 32.07
CA ALA B 144 17.54 12.29 32.62
C ALA B 144 17.95 12.54 34.07
N ASP B 145 18.00 11.46 34.86
CA ASP B 145 18.39 11.56 36.26
C ASP B 145 19.83 11.11 36.44
N THR B 146 20.51 11.70 37.42
CA THR B 146 21.89 11.34 37.75
C THR B 146 21.85 11.02 39.24
N PHE B 147 21.88 9.73 39.56
CA PHE B 147 21.79 9.26 40.95
C PHE B 147 23.06 8.77 41.64
N PRO B 148 23.41 9.37 42.79
CA PRO B 148 24.61 8.90 43.49
C PRO B 148 24.25 7.44 43.84
N THR B 149 25.23 6.55 43.86
CA THR B 149 24.95 5.15 44.12
C THR B 149 26.12 4.44 44.78
N ASN B 150 25.83 3.58 45.75
CA ASN B 150 26.86 2.85 46.48
C ASN B 150 27.22 1.55 45.76
N PHE B 151 28.10 1.65 44.78
CA PHE B 151 28.51 0.48 44.02
C PHE B 151 29.35 -0.47 44.85
N ARG B 152 29.61 -0.11 46.10
CA ARG B 152 30.37 -0.98 46.99
C ARG B 152 29.49 -2.20 47.27
N ASP B 153 28.18 -2.02 47.19
CA ASP B 153 27.24 -3.11 47.40
C ASP B 153 26.56 -3.45 46.06
N SER B 154 27.27 -4.25 45.26
CA SER B 154 26.85 -4.67 43.92
C SER B 154 25.42 -5.16 43.77
N ALA B 155 25.01 -6.11 44.60
CA ALA B 155 23.67 -6.65 44.54
C ALA B 155 22.65 -5.55 44.84
N GLY B 156 23.00 -4.63 45.73
CA GLY B 156 22.10 -3.56 46.09
C GLY B 156 21.88 -2.54 44.99
N ALA B 157 22.97 -2.10 44.37
CA ALA B 157 22.93 -1.14 43.29
C ALA B 157 22.21 -1.72 42.06
N MET B 158 22.52 -2.96 41.72
CA MET B 158 21.88 -3.61 40.58
C MET B 158 20.36 -3.67 40.80
N LYS B 159 19.95 -3.97 42.02
CA LYS B 159 18.54 -4.05 42.34
C LYS B 159 17.89 -2.67 42.26
N GLN B 160 18.62 -1.65 42.69
CA GLN B 160 18.14 -0.27 42.65
C GLN B 160 17.95 0.15 41.21
N ILE B 161 18.93 -0.18 40.39
CA ILE B 161 18.88 0.17 38.97
C ILE B 161 17.76 -0.59 38.26
N ASN B 162 17.62 -1.87 38.57
CA ASN B 162 16.55 -2.67 37.96
C ASN B 162 15.17 -2.20 38.42
N ASP B 163 15.05 -1.86 39.70
CA ASP B 163 13.78 -1.36 40.21
C ASP B 163 13.46 -0.03 39.54
N TYR B 164 14.47 0.82 39.41
CA TYR B 164 14.25 2.13 38.79
C TYR B 164 13.73 1.99 37.36
N VAL B 165 14.38 1.14 36.58
CA VAL B 165 13.96 0.94 35.21
C VAL B 165 12.60 0.29 35.08
N ALA B 166 12.27 -0.63 35.99
CA ALA B 166 10.96 -1.29 35.90
C ALA B 166 9.86 -0.26 36.09
N LYS B 167 10.09 0.69 36.99
CA LYS B 167 9.10 1.74 37.23
C LYS B 167 8.95 2.69 36.06
N GLN B 168 10.07 3.11 35.47
CA GLN B 168 10.03 4.04 34.34
C GLN B 168 9.40 3.44 33.10
N THR B 169 9.25 2.12 33.09
CA THR B 169 8.67 1.45 31.95
C THR B 169 7.32 0.82 32.27
N LYS B 170 6.67 1.30 33.32
CA LYS B 170 5.38 0.76 33.71
C LYS B 170 5.45 -0.77 33.75
N GLY B 171 6.57 -1.30 34.24
CA GLY B 171 6.76 -2.73 34.33
C GLY B 171 7.18 -3.47 33.06
N LYS B 172 7.28 -2.77 31.94
CA LYS B 172 7.64 -3.41 30.68
C LYS B 172 9.07 -3.96 30.62
N ILE B 173 9.97 -3.38 31.41
CA ILE B 173 11.35 -3.84 31.43
C ILE B 173 11.80 -4.25 32.83
N VAL B 174 11.78 -5.57 33.07
CA VAL B 174 12.12 -6.15 34.36
C VAL B 174 13.55 -6.09 34.86
N ASP B 175 14.41 -7.01 34.42
CA ASP B 175 15.78 -7.03 34.89
C ASP B 175 16.81 -6.51 33.90
N LEU B 176 16.81 -5.20 33.69
CA LEU B 176 17.74 -4.57 32.76
C LEU B 176 19.18 -5.05 32.98
N LEU B 177 19.54 -5.29 34.25
CA LEU B 177 20.89 -5.76 34.56
C LEU B 177 20.87 -7.15 35.19
N LYS B 178 21.77 -8.02 34.74
CA LYS B 178 21.88 -9.38 35.26
C LYS B 178 23.17 -9.54 36.07
N ASN B 179 24.09 -8.60 35.90
CA ASN B 179 25.37 -8.62 36.60
C ASN B 179 25.87 -7.19 36.79
N LEU B 180 26.80 -7.02 37.73
CA LEU B 180 27.36 -5.70 38.02
C LEU B 180 28.72 -5.84 38.69
N ASP B 181 29.71 -5.13 38.17
CA ASP B 181 31.06 -5.15 38.71
C ASP B 181 31.15 -4.19 39.89
N SER B 182 31.57 -4.72 41.04
CA SER B 182 31.69 -3.93 42.25
C SER B 182 32.75 -2.84 42.13
N ASN B 183 33.30 -2.68 40.92
CA ASN B 183 34.32 -1.66 40.69
C ASN B 183 33.78 -0.54 39.80
N ALA B 184 32.49 -0.59 39.49
CA ALA B 184 31.85 0.41 38.65
C ALA B 184 31.98 1.81 39.26
N VAL B 185 32.21 2.81 38.41
CA VAL B 185 32.32 4.19 38.87
C VAL B 185 31.08 4.94 38.38
N VAL B 186 30.74 4.72 37.12
CA VAL B 186 29.54 5.30 36.54
C VAL B 186 28.88 4.32 35.57
N ILE B 187 27.60 4.08 35.79
CA ILE B 187 26.82 3.18 34.96
C ILE B 187 25.77 4.01 34.25
N MET B 188 25.75 3.92 32.93
CA MET B 188 24.78 4.63 32.12
C MET B 188 23.79 3.63 31.51
N VAL B 189 22.50 3.90 31.67
CA VAL B 189 21.47 3.03 31.12
C VAL B 189 20.48 3.79 30.25
N ASN B 190 20.20 3.21 29.09
CA ASN B 190 19.26 3.76 28.11
C ASN B 190 18.33 2.60 27.77
N TYR B 191 17.03 2.86 27.76
CA TYR B 191 16.06 1.81 27.50
C TYR B 191 14.85 2.36 26.76
N ILE B 192 14.16 1.49 26.05
CA ILE B 192 12.97 1.92 25.32
C ILE B 192 12.06 0.74 25.02
N PHE B 193 10.77 0.92 25.32
CA PHE B 193 9.75 -0.10 25.06
C PHE B 193 8.75 0.50 24.08
N PHE B 194 8.35 -0.30 23.11
CA PHE B 194 7.42 0.19 22.10
C PHE B 194 6.37 -0.83 21.65
N LYS B 195 5.13 -0.37 21.54
CA LYS B 195 4.03 -1.19 21.10
C LYS B 195 2.92 -0.26 20.64
N ALA B 196 2.57 -0.35 19.35
CA ALA B 196 1.54 0.49 18.78
C ALA B 196 0.49 -0.31 18.01
N LYS B 197 -0.69 0.28 17.86
CA LYS B 197 -1.80 -0.33 17.12
C LYS B 197 -1.54 -0.15 15.64
N TRP B 198 -1.69 -1.20 14.86
CA TRP B 198 -1.51 -1.08 13.42
C TRP B 198 -2.67 -0.21 12.94
N GLU B 199 -2.46 0.53 11.85
CA GLU B 199 -3.52 1.39 11.33
C GLU B 199 -4.74 0.52 11.01
N THR B 200 -4.46 -0.69 10.54
CA THR B 200 -5.48 -1.67 10.20
C THR B 200 -5.13 -3.02 10.82
N SER B 201 -6.04 -3.54 11.63
CA SER B 201 -5.87 -4.80 12.34
C SER B 201 -5.60 -6.01 11.45
N PHE B 202 -5.28 -7.11 12.12
CA PHE B 202 -5.04 -8.40 11.51
C PHE B 202 -6.11 -9.25 12.21
N ASN B 203 -6.99 -9.87 11.43
CA ASN B 203 -8.06 -10.67 12.01
C ASN B 203 -7.52 -11.78 12.91
N HIS B 204 -7.79 -11.67 14.20
CA HIS B 204 -7.35 -12.64 15.19
C HIS B 204 -7.52 -14.08 14.69
N LYS B 205 -8.62 -14.34 13.99
CA LYS B 205 -8.90 -15.67 13.47
C LYS B 205 -7.91 -16.12 12.41
N GLY B 206 -7.49 -15.19 11.55
CA GLY B 206 -6.54 -15.54 10.50
C GLY B 206 -5.18 -16.04 10.98
N THR B 207 -4.87 -15.83 12.26
CA THR B 207 -3.58 -16.26 12.80
C THR B 207 -3.50 -17.78 12.97
N GLN B 208 -2.51 -18.39 12.33
CA GLN B 208 -2.31 -19.83 12.42
C GLN B 208 -0.86 -20.19 12.59
N GLU B 209 -0.61 -21.30 13.29
CA GLU B 209 0.73 -21.78 13.53
C GLU B 209 1.34 -22.29 12.23
N GLN B 210 2.46 -21.71 11.82
CA GLN B 210 3.13 -22.12 10.58
C GLN B 210 4.63 -22.36 10.82
N ASP B 211 5.31 -22.91 9.81
CA ASP B 211 6.74 -23.19 9.88
C ASP B 211 7.60 -21.94 9.61
N PHE B 212 8.69 -21.78 10.36
CA PHE B 212 9.61 -20.66 10.18
C PHE B 212 11.00 -21.28 10.11
N TYR B 213 11.71 -21.03 9.02
CA TYR B 213 13.04 -21.58 8.84
C TYR B 213 14.17 -20.66 9.35
N VAL B 214 14.63 -20.90 10.57
CA VAL B 214 15.73 -20.14 11.16
C VAL B 214 16.91 -20.36 10.23
N THR B 215 17.08 -21.61 9.81
CA THR B 215 18.12 -22.00 8.85
C THR B 215 17.44 -23.01 7.93
N SER B 216 18.18 -23.57 6.96
CA SER B 216 17.59 -24.53 6.05
C SER B 216 17.07 -25.77 6.78
N GLU B 217 17.79 -26.16 7.84
CA GLU B 217 17.41 -27.33 8.62
C GLU B 217 16.99 -27.08 10.08
N THR B 218 16.90 -25.82 10.49
CA THR B 218 16.46 -25.54 11.86
C THR B 218 15.11 -24.86 11.74
N VAL B 219 14.06 -25.61 12.02
CA VAL B 219 12.69 -25.12 11.88
C VAL B 219 11.88 -25.08 13.18
N VAL B 220 11.08 -24.03 13.32
CA VAL B 220 10.21 -23.88 14.49
C VAL B 220 8.83 -23.37 14.03
N ARG B 221 7.79 -23.72 14.78
CA ARG B 221 6.43 -23.29 14.44
C ARG B 221 6.16 -21.94 15.09
N VAL B 222 5.48 -21.03 14.38
CA VAL B 222 5.18 -19.71 14.93
C VAL B 222 3.80 -19.22 14.54
N PRO B 223 3.18 -18.38 15.40
CA PRO B 223 1.86 -17.84 15.09
C PRO B 223 1.91 -16.81 13.95
N MET B 224 1.66 -17.27 12.73
CA MET B 224 1.67 -16.42 11.54
C MET B 224 0.39 -15.62 11.36
N MET B 225 0.49 -14.29 11.38
CA MET B 225 -0.68 -13.45 11.17
C MET B 225 -0.79 -13.33 9.64
N SER B 226 -1.92 -12.82 9.16
CA SER B 226 -2.10 -12.70 7.72
C SER B 226 -3.21 -11.72 7.37
N ARG B 227 -3.09 -11.13 6.18
CA ARG B 227 -4.09 -10.18 5.69
C ARG B 227 -3.76 -9.69 4.28
N GLU B 228 -4.75 -9.75 3.39
CA GLU B 228 -4.56 -9.27 2.02
C GLU B 228 -5.04 -7.84 2.02
N ASP B 229 -4.23 -6.93 1.50
CA ASP B 229 -4.60 -5.53 1.49
C ASP B 229 -3.68 -4.77 0.54
N GLN B 230 -3.72 -3.45 0.63
CA GLN B 230 -2.87 -2.61 -0.18
C GLN B 230 -1.67 -2.27 0.70
N TYR B 231 -0.49 -2.65 0.25
CA TYR B 231 0.75 -2.41 1.01
C TYR B 231 1.81 -1.79 0.11
N HIS B 232 2.47 -0.75 0.59
CA HIS B 232 3.53 -0.16 -0.20
C HIS B 232 4.49 -1.33 -0.35
N TYR B 233 4.95 -1.56 -1.57
CA TYR B 233 5.84 -2.69 -1.83
C TYR B 233 6.98 -2.28 -2.71
N LEU B 234 7.99 -3.13 -2.78
CA LEU B 234 9.16 -2.84 -3.58
C LEU B 234 10.01 -4.09 -3.76
N LEU B 235 10.59 -4.22 -4.94
CA LEU B 235 11.49 -5.33 -5.22
C LEU B 235 12.83 -4.69 -5.52
N ASP B 236 13.86 -5.06 -4.76
CA ASP B 236 15.18 -4.49 -4.99
C ASP B 236 16.06 -5.55 -5.64
N ARG B 237 16.25 -5.42 -6.96
CA ARG B 237 17.06 -6.39 -7.69
C ARG B 237 18.55 -6.24 -7.42
N ASN B 238 18.98 -5.06 -7.03
CA ASN B 238 20.39 -4.84 -6.73
C ASN B 238 20.82 -5.46 -5.40
N LEU B 239 19.99 -5.28 -4.37
CA LEU B 239 20.31 -5.86 -3.06
C LEU B 239 19.72 -7.26 -2.99
N SER B 240 18.69 -7.48 -3.80
CA SER B 240 17.99 -8.76 -3.88
C SER B 240 17.13 -9.00 -2.64
N CYS B 241 16.05 -8.24 -2.52
CA CYS B 241 15.16 -8.38 -1.39
C CYS B 241 13.82 -7.71 -1.67
N ARG B 242 12.77 -8.18 -1.01
CA ARG B 242 11.44 -7.60 -1.19
C ARG B 242 11.21 -6.74 0.04
N VAL B 243 10.57 -5.59 -0.16
CA VAL B 243 10.31 -4.69 0.94
C VAL B 243 8.83 -4.32 1.00
N VAL B 244 8.28 -4.28 2.21
CA VAL B 244 6.89 -3.92 2.40
C VAL B 244 6.77 -3.04 3.65
N GLY B 245 5.98 -1.98 3.54
CA GLY B 245 5.78 -1.10 4.67
C GLY B 245 4.40 -1.33 5.23
N VAL B 246 4.28 -1.31 6.55
CA VAL B 246 2.98 -1.51 7.20
C VAL B 246 2.81 -0.40 8.24
N PRO B 247 2.05 0.65 7.89
CA PRO B 247 1.80 1.79 8.77
C PRO B 247 1.14 1.55 10.12
N TYR B 248 1.55 2.36 11.10
CA TYR B 248 1.02 2.32 12.46
C TYR B 248 0.01 3.45 12.59
N GLN B 249 -0.78 3.42 13.66
CA GLN B 249 -1.77 4.44 13.90
C GLN B 249 -1.09 5.79 14.04
N GLY B 250 -1.13 6.59 12.99
CA GLY B 250 -0.56 7.92 13.05
C GLY B 250 0.77 8.23 12.40
N ASN B 251 1.81 8.32 13.23
CA ASN B 251 3.15 8.69 12.77
C ASN B 251 4.09 7.59 12.27
N ALA B 252 4.30 6.54 13.06
CA ALA B 252 5.21 5.45 12.70
C ALA B 252 4.75 4.45 11.65
N THR B 253 5.73 3.84 10.98
CA THR B 253 5.52 2.83 9.94
C THR B 253 6.63 1.81 10.04
N ALA B 254 6.27 0.53 9.93
CA ALA B 254 7.25 -0.55 10.01
C ALA B 254 7.64 -1.03 8.63
N LEU B 255 8.93 -1.30 8.44
CA LEU B 255 9.43 -1.82 7.17
C LEU B 255 9.97 -3.24 7.44
N PHE B 256 9.42 -4.22 6.74
CA PHE B 256 9.86 -5.61 6.87
C PHE B 256 10.55 -6.02 5.56
N ILE B 257 11.84 -6.35 5.65
CA ILE B 257 12.65 -6.71 4.49
C ILE B 257 12.97 -8.20 4.42
N LEU B 258 12.55 -8.84 3.33
CA LEU B 258 12.79 -10.27 3.11
C LEU B 258 13.87 -10.48 2.05
N PRO B 259 15.03 -11.02 2.43
CA PRO B 259 16.09 -11.24 1.43
C PRO B 259 15.84 -12.54 0.69
N SER B 260 16.27 -12.59 -0.58
CA SER B 260 16.13 -13.81 -1.37
C SER B 260 16.95 -14.86 -0.63
N GLU B 261 16.63 -16.13 -0.84
CA GLU B 261 17.35 -17.21 -0.19
C GLU B 261 18.85 -16.98 -0.31
N GLY B 262 19.53 -17.08 0.81
CA GLY B 262 20.98 -16.90 0.83
C GLY B 262 21.48 -15.47 0.70
N LYS B 263 20.58 -14.49 0.54
CA LYS B 263 21.02 -13.08 0.40
C LYS B 263 21.02 -12.17 1.64
N MET B 264 20.90 -12.74 2.83
CA MET B 264 20.88 -11.94 4.06
C MET B 264 22.11 -11.04 4.26
N GLN B 265 23.30 -11.62 4.24
CA GLN B 265 24.52 -10.84 4.43
C GLN B 265 24.69 -9.75 3.38
N GLN B 266 24.23 -10.04 2.17
CA GLN B 266 24.31 -9.10 1.08
C GLN B 266 23.45 -7.88 1.38
N VAL B 267 22.22 -8.13 1.80
CA VAL B 267 21.31 -7.04 2.13
C VAL B 267 21.90 -6.22 3.27
N GLU B 268 22.46 -6.91 4.25
CA GLU B 268 23.06 -6.24 5.41
C GLU B 268 24.22 -5.33 5.04
N ASN B 269 25.08 -5.80 4.15
CA ASN B 269 26.24 -5.02 3.73
C ASN B 269 25.81 -3.79 2.94
N GLY B 270 24.64 -3.88 2.32
CA GLY B 270 24.14 -2.77 1.54
C GLY B 270 23.25 -1.81 2.31
N LEU B 271 23.05 -2.04 3.60
CA LEU B 271 22.20 -1.17 4.41
C LEU B 271 22.85 0.20 4.59
N SER B 272 22.08 1.27 4.43
CA SER B 272 22.61 2.62 4.58
C SER B 272 21.49 3.65 4.45
N GLU B 273 21.83 4.92 4.65
CA GLU B 273 20.85 6.01 4.54
C GLU B 273 20.48 6.15 3.06
N LYS B 274 21.48 5.98 2.22
CA LYS B 274 21.31 6.06 0.78
C LYS B 274 20.22 5.04 0.39
N THR B 275 20.45 3.78 0.75
CA THR B 275 19.52 2.68 0.46
C THR B 275 18.14 2.92 1.05
N LEU B 276 18.10 3.31 2.32
CA LEU B 276 16.82 3.53 2.97
C LEU B 276 15.99 4.53 2.18
N ARG B 277 16.58 5.68 1.86
CA ARG B 277 15.86 6.69 1.09
C ARG B 277 15.45 6.17 -0.28
N LYS B 278 16.28 5.34 -0.90
CA LYS B 278 15.95 4.78 -2.20
C LYS B 278 14.67 3.94 -2.10
N TRP B 279 14.60 3.09 -1.07
CA TRP B 279 13.43 2.24 -0.86
C TRP B 279 12.14 3.04 -0.68
N LEU B 280 12.23 4.12 0.10
CA LEU B 280 11.07 4.96 0.35
C LEU B 280 10.64 5.69 -0.91
N LYS B 281 11.55 5.76 -1.88
CA LYS B 281 11.24 6.44 -3.14
C LYS B 281 10.68 5.46 -4.15
N MET B 282 11.08 4.19 -4.03
CA MET B 282 10.61 3.13 -4.92
C MET B 282 9.22 2.61 -4.58
N PHE B 283 8.88 2.63 -3.28
CA PHE B 283 7.59 2.14 -2.83
C PHE B 283 6.43 2.42 -3.77
N LYS B 284 5.42 1.56 -3.73
CA LYS B 284 4.23 1.69 -4.57
C LYS B 284 3.12 0.82 -3.99
N LYS B 285 1.89 1.33 -4.00
CA LYS B 285 0.76 0.58 -3.48
C LYS B 285 0.43 -0.63 -4.33
N ARG B 286 -0.24 -1.62 -3.73
CA ARG B 286 -0.62 -2.83 -4.46
C ARG B 286 -1.31 -3.88 -3.59
N GLN B 287 -1.92 -4.85 -4.26
CA GLN B 287 -2.61 -5.94 -3.58
C GLN B 287 -1.57 -7.00 -3.20
N LEU B 288 -1.64 -7.47 -1.96
CA LEU B 288 -0.72 -8.49 -1.47
C LEU B 288 -1.35 -9.37 -0.40
N GLU B 289 -0.86 -10.60 -0.30
CA GLU B 289 -1.32 -11.53 0.71
C GLU B 289 -0.15 -11.62 1.71
N LEU B 290 -0.23 -10.80 2.76
CA LEU B 290 0.84 -10.74 3.75
C LEU B 290 0.74 -11.73 4.92
N TYR B 291 1.85 -12.43 5.17
CA TYR B 291 1.96 -13.38 6.25
C TYR B 291 3.12 -12.89 7.13
N LEU B 292 2.77 -12.34 8.30
CA LEU B 292 3.76 -11.81 9.25
C LEU B 292 3.60 -12.47 10.61
N PRO B 293 4.70 -12.98 11.19
CA PRO B 293 4.71 -13.65 12.49
C PRO B 293 4.33 -12.74 13.64
N LYS B 294 3.69 -13.30 14.67
CA LYS B 294 3.34 -12.55 15.86
C LYS B 294 4.56 -12.82 16.75
N PHE B 295 5.18 -11.78 17.29
CA PHE B 295 6.37 -12.01 18.09
C PHE B 295 6.82 -10.79 18.90
N SER B 296 7.68 -11.06 19.89
CA SER B 296 8.27 -10.03 20.73
C SER B 296 9.77 -10.15 20.48
N ILE B 297 10.45 -9.03 20.31
CA ILE B 297 11.88 -9.07 20.04
C ILE B 297 12.64 -8.07 20.94
N GLU B 298 13.75 -8.50 21.52
CA GLU B 298 14.51 -7.59 22.36
C GLU B 298 16.02 -7.64 22.13
N GLY B 299 16.68 -6.54 22.46
CA GLY B 299 18.12 -6.46 22.30
C GLY B 299 18.71 -5.75 23.52
N SER B 300 19.74 -6.36 24.11
CA SER B 300 20.38 -5.81 25.29
C SER B 300 21.88 -5.74 25.03
N TYR B 301 22.46 -4.55 25.06
CA TYR B 301 23.89 -4.45 24.78
C TYR B 301 24.76 -3.66 25.73
N GLN B 302 26.04 -4.05 25.75
CA GLN B 302 27.07 -3.39 26.55
C GLN B 302 27.84 -2.59 25.50
N LEU B 303 27.43 -1.34 25.29
CA LEU B 303 28.03 -0.48 24.27
C LEU B 303 29.50 -0.08 24.45
N GLU B 304 30.08 -0.36 25.62
CA GLU B 304 31.48 -0.02 25.85
C GLU B 304 32.37 -1.04 25.12
N LYS B 305 31.76 -2.12 24.66
CA LYS B 305 32.47 -3.18 23.96
C LYS B 305 32.33 -3.08 22.45
N VAL B 306 31.48 -2.17 21.98
CA VAL B 306 31.31 -2.04 20.55
C VAL B 306 31.60 -0.65 20.02
N LEU B 307 31.28 0.37 20.80
CA LEU B 307 31.50 1.76 20.37
C LEU B 307 32.95 2.14 20.08
N PRO B 308 33.92 1.55 20.79
CA PRO B 308 35.30 1.94 20.48
C PRO B 308 35.73 1.60 19.06
N SER B 309 35.29 0.45 18.55
CA SER B 309 35.65 0.04 17.19
C SER B 309 35.02 0.98 16.18
N LEU B 310 34.12 1.82 16.67
CA LEU B 310 33.46 2.80 15.79
C LEU B 310 34.02 4.20 16.05
N GLY B 311 35.12 4.27 16.81
CA GLY B 311 35.72 5.57 17.07
C GLY B 311 35.46 6.24 18.42
N ILE B 312 34.41 5.87 19.13
CA ILE B 312 34.14 6.50 20.42
C ILE B 312 34.74 5.59 21.48
N SER B 313 35.95 5.94 21.89
CA SER B 313 36.67 5.11 22.85
C SER B 313 37.11 5.73 24.17
N ASN B 314 37.64 6.95 24.12
CA ASN B 314 38.15 7.62 25.31
C ASN B 314 37.23 7.61 26.54
N VAL B 315 35.94 7.81 26.30
CA VAL B 315 34.96 7.85 27.37
C VAL B 315 34.94 6.62 28.29
N PHE B 316 35.55 5.52 27.85
CA PHE B 316 35.58 4.29 28.66
C PHE B 316 36.94 3.97 29.29
N THR B 317 37.92 4.84 29.09
CA THR B 317 39.26 4.62 29.61
C THR B 317 39.57 5.44 30.87
N SER B 318 40.72 5.18 31.46
CA SER B 318 41.14 5.92 32.64
C SER B 318 41.50 7.33 32.18
N HIS B 319 41.68 7.51 30.87
CA HIS B 319 42.03 8.82 30.33
C HIS B 319 40.79 9.59 29.89
N ALA B 320 39.62 9.03 30.20
CA ALA B 320 38.36 9.68 29.88
C ALA B 320 38.30 11.07 30.52
N ASP B 321 37.81 12.05 29.79
CA ASP B 321 37.67 13.40 30.32
C ASP B 321 36.20 13.70 30.55
N LEU B 322 35.77 13.57 31.81
CA LEU B 322 34.38 13.85 32.19
C LEU B 322 34.38 14.98 33.24
N SER B 323 35.30 15.93 33.05
CA SER B 323 35.40 17.05 33.98
C SER B 323 34.17 17.97 34.06
N GLY B 324 33.19 17.77 33.18
CA GLY B 324 31.98 18.59 33.21
C GLY B 324 30.95 17.97 34.16
N ILE B 325 31.14 16.69 34.45
CA ILE B 325 30.25 15.95 35.35
C ILE B 325 30.74 16.09 36.78
N SER B 326 32.05 15.95 36.94
CA SER B 326 32.68 16.03 38.25
C SER B 326 34.15 16.42 38.12
N ASN B 327 34.69 16.96 39.19
CA ASN B 327 36.08 17.37 39.24
C ASN B 327 36.92 16.19 39.74
N HIS B 328 36.22 15.11 40.07
CA HIS B 328 36.86 13.90 40.59
C HIS B 328 37.79 13.25 39.57
N SER B 329 38.88 12.66 40.05
CA SER B 329 39.84 12.00 39.17
C SER B 329 39.49 10.54 38.91
N ASN B 330 40.03 10.01 37.82
CA ASN B 330 39.84 8.63 37.42
C ASN B 330 38.38 8.19 37.28
N ILE B 331 37.59 8.96 36.54
CA ILE B 331 36.20 8.58 36.34
C ILE B 331 35.93 8.37 34.86
N GLN B 332 35.22 7.29 34.55
CA GLN B 332 34.87 6.96 33.17
C GLN B 332 33.55 6.20 33.21
N VAL B 333 32.94 5.99 32.04
CA VAL B 333 31.72 5.22 31.98
C VAL B 333 32.18 3.75 32.07
N SER B 334 31.80 3.09 33.16
CA SER B 334 32.18 1.69 33.39
C SER B 334 31.36 0.78 32.47
N GLU B 335 30.08 1.11 32.33
CA GLU B 335 29.14 0.36 31.50
C GLU B 335 28.09 1.29 30.91
N MET B 336 27.82 1.10 29.62
CA MET B 336 26.82 1.87 28.90
C MET B 336 25.83 0.80 28.40
N VAL B 337 24.71 0.63 29.10
CA VAL B 337 23.74 -0.39 28.72
C VAL B 337 22.59 0.13 27.89
N HIS B 338 22.31 -0.56 26.79
CA HIS B 338 21.19 -0.20 25.91
C HIS B 338 20.24 -1.39 25.91
N LYS B 339 18.94 -1.10 25.86
CA LYS B 339 17.94 -2.15 25.88
C LYS B 339 16.71 -1.69 25.13
N ALA B 340 16.35 -2.45 24.10
CA ALA B 340 15.20 -2.15 23.26
C ALA B 340 14.26 -3.36 23.20
N VAL B 341 12.97 -3.08 23.38
CA VAL B 341 11.92 -4.10 23.36
C VAL B 341 10.70 -3.61 22.55
N VAL B 342 10.27 -4.43 21.58
CA VAL B 342 9.12 -4.10 20.75
C VAL B 342 8.20 -5.33 20.65
N GLU B 343 6.90 -5.11 20.70
CA GLU B 343 5.95 -6.20 20.58
C GLU B 343 5.09 -6.01 19.33
N VAL B 344 4.91 -7.08 18.58
CA VAL B 344 4.12 -7.03 17.36
C VAL B 344 2.98 -8.05 17.37
N ASP B 345 1.76 -7.58 17.16
CA ASP B 345 0.60 -8.47 17.10
C ASP B 345 -0.49 -7.87 16.19
N GLU B 346 -1.72 -8.37 16.29
CA GLU B 346 -2.80 -7.91 15.41
C GLU B 346 -3.48 -6.58 15.72
N SER B 347 -3.66 -6.27 17.01
CA SER B 347 -4.33 -5.04 17.43
C SER B 347 -4.11 -3.84 16.51
N GLY B 348 -5.21 -3.25 16.09
CA GLY B 348 -5.17 -2.09 15.22
C GLY B 348 -6.46 -1.31 15.40
N THR B 349 -6.77 -0.45 14.42
CA THR B 349 -7.99 0.36 14.47
C THR B 349 -8.56 0.60 13.07
N SER B 368 -2.43 -12.80 -7.03
CA SER B 368 -1.59 -12.45 -5.89
C SER B 368 -0.21 -13.08 -5.95
N GLN B 369 0.68 -12.55 -5.12
CA GLN B 369 2.04 -13.06 -5.01
C GLN B 369 2.41 -12.98 -3.53
N ARG B 370 1.85 -13.91 -2.76
CA ARG B 370 2.06 -14.01 -1.32
C ARG B 370 3.45 -13.63 -0.85
N LEU B 371 3.50 -12.77 0.18
CA LEU B 371 4.76 -12.36 0.78
C LEU B 371 4.68 -12.98 2.16
N VAL B 372 5.54 -13.96 2.40
CA VAL B 372 5.55 -14.67 3.67
C VAL B 372 6.88 -14.59 4.40
N PHE B 373 6.83 -14.03 5.61
CA PHE B 373 8.02 -13.90 6.42
C PHE B 373 8.18 -15.15 7.28
N ASN B 374 8.66 -16.22 6.65
CA ASN B 374 8.88 -17.48 7.35
C ASN B 374 10.33 -17.88 7.23
N ARG B 375 11.19 -16.87 7.16
CA ARG B 375 12.64 -17.04 7.04
C ARG B 375 13.18 -15.72 7.62
N PRO B 376 14.41 -15.71 8.16
CA PRO B 376 14.96 -14.48 8.74
C PRO B 376 14.72 -13.21 7.94
N PHE B 377 14.39 -12.12 8.62
CA PHE B 377 14.15 -10.86 7.94
C PHE B 377 14.70 -9.67 8.72
N LEU B 378 14.83 -8.54 8.03
CA LEU B 378 15.31 -7.32 8.66
C LEU B 378 14.06 -6.51 8.98
N MET B 379 14.15 -5.60 9.95
CA MET B 379 13.00 -4.76 10.27
C MET B 379 13.38 -3.37 10.75
N PHE B 380 12.71 -2.37 10.20
CA PHE B 380 12.93 -0.99 10.58
C PHE B 380 11.58 -0.49 11.09
N ILE B 381 11.62 0.51 11.97
CA ILE B 381 10.40 1.17 12.42
C ILE B 381 10.81 2.65 12.32
N VAL B 382 10.19 3.39 11.40
CA VAL B 382 10.58 4.78 11.20
C VAL B 382 9.49 5.84 11.16
N ASP B 383 9.92 7.06 11.47
CA ASP B 383 9.09 8.27 11.42
C ASP B 383 10.08 9.24 10.75
N ASN B 384 10.32 10.43 11.29
CA ASN B 384 11.30 11.30 10.65
C ASN B 384 12.69 10.68 10.86
N ASN B 385 12.79 9.85 11.90
CA ASN B 385 14.04 9.20 12.23
C ASN B 385 13.85 7.67 12.30
N ILE B 386 14.93 6.96 12.58
CA ILE B 386 14.89 5.50 12.69
C ILE B 386 14.70 5.13 14.16
N LEU B 387 13.48 4.80 14.54
CA LEU B 387 13.18 4.44 15.92
C LEU B 387 13.72 3.06 16.29
N PHE B 388 13.67 2.13 15.32
CA PHE B 388 14.16 0.78 15.56
C PHE B 388 14.79 0.15 14.34
N LEU B 389 15.79 -0.69 14.56
CA LEU B 389 16.45 -1.39 13.47
C LEU B 389 16.87 -2.76 14.00
N GLY B 390 16.66 -3.81 13.21
CA GLY B 390 17.05 -5.12 13.69
C GLY B 390 16.94 -6.27 12.72
N LYS B 391 17.28 -7.45 13.21
CA LYS B 391 17.21 -8.66 12.41
C LYS B 391 16.39 -9.69 13.17
N VAL B 392 15.26 -10.10 12.61
CA VAL B 392 14.47 -11.11 13.28
C VAL B 392 14.95 -12.44 12.72
N ASN B 393 15.84 -13.05 13.48
CA ASN B 393 16.41 -14.33 13.12
C ASN B 393 15.50 -15.45 13.57
N ARG B 394 14.94 -15.32 14.76
CA ARG B 394 14.05 -16.32 15.32
C ARG B 394 12.99 -15.63 16.16
N PRO B 395 11.73 -15.64 15.70
CA PRO B 395 10.66 -14.98 16.47
C PRO B 395 10.55 -15.56 17.88
C1 GOL C . -23.79 -1.45 -28.94
O1 GOL C . -22.92 -0.55 -29.61
C2 GOL C . -25.07 -0.72 -28.51
O2 GOL C . -25.71 -0.16 -29.65
C3 GOL C . -26.00 -1.69 -27.77
O3 GOL C . -27.19 -1.01 -27.35
#